data_3D69
#
_entry.id   3D69
#
_cell.length_a   159.609
_cell.length_b   159.609
_cell.length_c   65.366
_cell.angle_alpha   90.00
_cell.angle_beta   90.00
_cell.angle_gamma   90.00
#
_symmetry.space_group_name_H-M   'P 41'
#
loop_
_entity.id
_entity.type
_entity.pdbx_description
1 polymer 'anti-factor IX antibody, 10C12'
2 polymer 'anti-factor IX antibody, 10C12'
#
loop_
_entity_poly.entity_id
_entity_poly.type
_entity_poly.pdbx_seq_one_letter_code
_entity_poly.pdbx_strand_id
1 'polypeptide(L)'
;QSVLTQPPSVSAAPGQKVTISCSGSTSNIGNNYVSWYQQHPGKAPKLMIYDVSKRPSGVPDRFSGSKSGNSASLDISGLQ
SEDEADYYCAAWDDSLSEFLFGTGTKLTVLGQPKAAPSVTLFPPSSEELQANKATLVCLISDFYPGAVTVAWKADSSPVK
AGVETTTPSKQSNNKYAASSYLSLTPEQWKSHKSYSCQVTHEGSTVEKTVAPTECS
;
L,A
2 'polypeptide(L)'
;GVQLVESGGGVVQPGRSLRLSCAASGFTFSTYAMHWVRQAPGKGLEWVAIISYDGSKKYYADSVKGRFTISRDNSKNTLY
LQMNSLRAEDTAVYYCARASIAAARVLDYWGRGTMVTVSSASTKGPSVFPLAPSSKSTSGGTAALGCLVKDYFPEPVTVS
WNSGALTSGVHTFPAVLQSSGLYSLSSVVTVPSSSLGTQTYICNVNHKPSNTKVDKKVEPKSCD
;
H,B
#
# COMPACT_ATOMS: atom_id res chain seq x y z
N VAL A 3 16.02 -10.88 -0.16
CA VAL A 3 15.69 -11.75 1.01
C VAL A 3 14.79 -12.92 0.56
N LEU A 4 14.01 -13.51 1.47
CA LEU A 4 13.10 -14.60 1.09
C LEU A 4 13.78 -15.89 0.70
N THR A 5 14.01 -16.77 1.68
CA THR A 5 14.70 -18.03 1.42
C THR A 5 13.87 -19.29 1.21
N GLN A 6 14.18 -19.98 0.13
CA GLN A 6 13.55 -21.24 -0.23
C GLN A 6 14.70 -22.24 -0.24
N PRO A 7 14.39 -23.53 -0.42
CA PRO A 7 15.43 -24.56 -0.46
C PRO A 7 15.63 -24.93 -1.94
N PRO A 8 16.87 -24.95 -2.39
CA PRO A 8 17.18 -25.07 -3.82
C PRO A 8 16.60 -26.34 -4.42
N SER A 9 16.36 -27.34 -3.59
CA SER A 9 15.64 -28.54 -4.01
C SER A 9 14.75 -29.06 -2.88
N VAL A 10 13.60 -29.61 -3.26
CA VAL A 10 13.06 -30.80 -2.61
C VAL A 10 12.86 -31.94 -3.61
N SER A 11 12.42 -33.08 -3.11
CA SER A 11 12.38 -34.30 -3.90
C SER A 11 11.35 -35.31 -3.42
N ALA A 12 11.01 -36.27 -4.29
CA ALA A 12 10.06 -37.35 -3.97
C ALA A 12 9.47 -38.10 -5.18
N ALA A 13 9.01 -39.33 -4.93
CA ALA A 13 8.42 -40.21 -5.95
C ALA A 13 6.96 -39.91 -6.06
N PRO A 14 6.34 -40.28 -7.18
CA PRO A 14 4.90 -40.04 -7.37
C PRO A 14 4.02 -40.34 -6.18
N GLY A 15 2.88 -39.67 -6.15
CA GLY A 15 1.91 -39.89 -5.09
C GLY A 15 2.22 -39.41 -3.70
N GLN A 16 3.49 -39.27 -3.33
CA GLN A 16 3.76 -38.83 -1.97
C GLN A 16 3.92 -37.32 -1.79
N LYS A 17 3.42 -36.86 -0.66
CA LYS A 17 3.44 -35.46 -0.28
C LYS A 17 4.82 -34.82 -0.38
N VAL A 18 4.83 -33.51 -0.18
CA VAL A 18 6.03 -32.70 -0.23
C VAL A 18 5.68 -31.33 0.34
N THR A 19 6.70 -30.51 0.63
CA THR A 19 6.49 -29.18 1.21
C THR A 19 7.67 -28.28 0.85
N ILE A 20 7.41 -26.98 0.67
CA ILE A 20 8.46 -26.01 0.34
C ILE A 20 8.44 -24.77 1.25
N SER A 21 9.57 -24.46 1.86
CA SER A 21 9.69 -23.34 2.78
C SER A 21 9.99 -22.01 2.09
N CYS A 22 9.50 -20.92 2.68
CA CYS A 22 9.70 -19.57 2.15
C CYS A 22 9.82 -18.59 3.30
N SER A 23 11.04 -18.41 3.82
CA SER A 23 11.26 -17.48 4.94
C SER A 23 11.82 -16.12 4.56
N GLY A 24 11.41 -15.10 5.32
CA GLY A 24 11.86 -13.74 5.08
C GLY A 24 11.59 -12.91 6.32
N SER A 25 11.86 -11.60 6.27
CA SER A 25 11.64 -10.73 7.43
C SER A 25 10.17 -10.32 7.67
N THR A 26 9.89 -9.80 8.87
CA THR A 26 8.54 -9.37 9.26
C THR A 26 8.15 -8.11 8.51
N SER A 27 9.14 -7.48 7.89
CA SER A 27 8.93 -6.26 7.12
C SER A 27 8.03 -6.62 5.95
N ASN A 28 7.89 -7.93 5.73
CA ASN A 28 7.04 -8.44 4.67
C ASN A 28 6.35 -9.74 5.12
N ILE A 29 6.37 -10.77 4.27
CA ILE A 29 5.72 -12.05 4.55
C ILE A 29 4.80 -12.13 5.77
N GLY A 30 5.38 -12.10 6.97
CA GLY A 30 4.59 -12.18 8.18
C GLY A 30 3.73 -10.94 8.37
N ASN A 31 3.56 -10.19 7.30
CA ASN A 31 2.77 -8.96 7.32
C ASN A 31 1.79 -8.92 6.13
N ASN A 32 2.32 -9.13 4.92
CA ASN A 32 1.52 -9.12 3.70
C ASN A 32 1.29 -10.52 3.14
N TYR A 33 0.28 -10.65 2.26
CA TYR A 33 -0.04 -11.96 1.68
C TYR A 33 1.03 -12.46 0.74
N VAL A 34 1.29 -13.77 0.81
CA VAL A 34 2.28 -14.43 -0.04
C VAL A 34 1.67 -15.26 -1.15
N SER A 35 2.25 -15.17 -2.34
CA SER A 35 1.72 -15.88 -3.47
C SER A 35 2.77 -16.83 -4.06
N TRP A 36 2.31 -17.90 -4.72
CA TRP A 36 3.25 -18.88 -5.32
C TRP A 36 3.08 -18.99 -6.84
N TYR A 37 4.18 -19.30 -7.53
CA TYR A 37 4.16 -19.44 -8.98
C TYR A 37 4.83 -20.72 -9.52
N GLN A 38 4.21 -21.35 -10.51
CA GLN A 38 4.75 -22.58 -11.09
C GLN A 38 5.38 -22.17 -12.41
N GLN A 39 6.59 -22.65 -12.66
CA GLN A 39 7.22 -22.32 -13.90
C GLN A 39 7.89 -23.56 -14.45
N HIS A 40 7.71 -23.80 -15.75
CA HIS A 40 8.35 -24.95 -16.35
C HIS A 40 9.49 -24.37 -17.19
N PRO A 41 10.59 -25.13 -17.34
CA PRO A 41 11.71 -24.62 -18.12
C PRO A 41 11.28 -23.73 -19.30
N GLY A 42 10.58 -24.33 -20.27
CA GLY A 42 10.16 -23.59 -21.43
C GLY A 42 9.25 -22.41 -21.18
N LYS A 43 7.96 -22.72 -21.00
CA LYS A 43 6.91 -21.73 -20.77
C LYS A 43 7.15 -20.54 -19.83
N ALA A 44 6.06 -19.83 -19.59
CA ALA A 44 6.03 -18.68 -18.72
C ALA A 44 5.62 -19.16 -17.33
N PRO A 45 5.48 -18.23 -16.38
CA PRO A 45 5.07 -18.56 -14.99
C PRO A 45 3.57 -18.68 -14.86
N LYS A 46 3.09 -19.69 -14.15
CA LYS A 46 1.65 -19.84 -13.95
C LYS A 46 1.37 -19.49 -12.51
N LEU A 47 0.12 -19.14 -12.21
CA LEU A 47 -0.24 -18.81 -10.83
C LEU A 47 -0.70 -20.10 -10.14
N MET A 48 -0.17 -20.35 -8.95
CA MET A 48 -0.51 -21.56 -8.22
C MET A 48 -1.29 -21.38 -6.96
N ILE A 49 -0.96 -20.33 -6.20
CA ILE A 49 -1.65 -20.05 -4.94
C ILE A 49 -1.49 -18.56 -4.56
N TYR A 50 -2.59 -17.86 -4.29
CA TYR A 50 -2.52 -16.42 -3.90
C TYR A 50 -3.07 -16.09 -2.53
N ASP A 51 -2.74 -14.91 -1.99
CA ASP A 51 -3.19 -14.61 -0.62
C ASP A 51 -2.94 -15.83 0.26
N VAL A 52 -1.69 -16.06 0.63
CA VAL A 52 -1.40 -17.21 1.42
C VAL A 52 -2.00 -18.45 0.75
N SER A 53 -2.88 -19.20 1.40
CA SER A 53 -3.48 -20.37 0.82
C SER A 53 -4.79 -20.18 0.05
N LYS A 54 -4.72 -19.70 -1.19
CA LYS A 54 -5.93 -19.53 -1.97
C LYS A 54 -5.64 -20.04 -3.35
N ARG A 55 -6.55 -20.83 -3.91
CA ARG A 55 -6.33 -21.35 -5.25
C ARG A 55 -7.18 -20.70 -6.33
N PRO A 56 -6.72 -20.77 -7.59
CA PRO A 56 -7.48 -20.18 -8.69
C PRO A 56 -8.30 -21.35 -9.22
N SER A 57 -9.61 -21.23 -9.34
CA SER A 57 -10.36 -22.39 -9.86
C SER A 57 -9.60 -22.77 -11.13
N GLY A 58 -9.20 -24.04 -11.18
CA GLY A 58 -8.42 -24.55 -12.30
C GLY A 58 -7.08 -25.02 -11.76
N VAL A 59 -7.01 -25.15 -10.46
CA VAL A 59 -5.81 -25.61 -9.81
C VAL A 59 -6.18 -26.68 -8.84
N PRO A 60 -5.52 -27.83 -8.92
CA PRO A 60 -5.80 -28.95 -8.03
C PRO A 60 -5.89 -28.52 -6.57
N ASP A 61 -6.61 -29.29 -5.77
CA ASP A 61 -6.76 -29.01 -4.34
C ASP A 61 -5.50 -29.43 -3.57
N ARG A 62 -4.73 -30.34 -4.16
CA ARG A 62 -3.50 -30.84 -3.54
C ARG A 62 -2.38 -29.79 -3.44
N PHE A 63 -2.69 -28.55 -3.82
CA PHE A 63 -1.73 -27.46 -3.73
C PHE A 63 -2.25 -26.52 -2.65
N SER A 64 -1.89 -26.78 -1.39
CA SER A 64 -2.37 -25.95 -0.28
C SER A 64 -1.28 -25.05 0.27
N GLY A 65 -1.66 -23.87 0.77
CA GLY A 65 -0.67 -22.94 1.30
C GLY A 65 -0.85 -22.71 2.78
N SER A 66 0.22 -22.31 3.46
CA SER A 66 0.17 -22.06 4.91
C SER A 66 1.18 -21.00 5.28
N LYS A 67 0.90 -20.30 6.35
CA LYS A 67 1.77 -19.24 6.81
C LYS A 67 1.81 -19.20 8.33
N SER A 68 3.01 -19.29 8.90
CA SER A 68 3.18 -19.26 10.36
C SER A 68 4.17 -18.18 10.73
N GLY A 69 3.75 -17.25 11.59
CA GLY A 69 4.64 -16.18 12.02
C GLY A 69 5.33 -15.45 10.88
N ASN A 70 6.50 -15.93 10.46
CA ASN A 70 7.27 -15.29 9.41
C ASN A 70 7.65 -16.17 8.23
N SER A 71 6.77 -17.06 7.83
CA SER A 71 7.10 -17.92 6.70
C SER A 71 5.88 -18.58 6.07
N ALA A 72 6.06 -19.08 4.86
CA ALA A 72 4.97 -19.72 4.12
C ALA A 72 5.40 -21.09 3.64
N SER A 73 4.45 -21.87 3.15
CA SER A 73 4.78 -23.19 2.65
C SER A 73 3.79 -23.62 1.58
N LEU A 74 4.26 -24.43 0.64
CA LEU A 74 3.41 -24.90 -0.45
C LEU A 74 3.25 -26.42 -0.49
N ASP A 75 2.60 -26.99 0.52
CA ASP A 75 2.40 -28.44 0.58
C ASP A 75 1.81 -29.00 -0.69
N ILE A 76 2.22 -30.22 -1.02
CA ILE A 76 1.72 -30.91 -2.20
C ILE A 76 1.75 -32.41 -1.98
N SER A 77 0.59 -33.00 -2.07
CA SER A 77 0.46 -34.43 -1.90
C SER A 77 0.22 -35.03 -3.28
N GLY A 78 0.47 -36.33 -3.44
CA GLY A 78 0.27 -36.96 -4.73
C GLY A 78 0.90 -36.18 -5.86
N LEU A 79 2.20 -36.39 -6.05
CA LEU A 79 2.93 -35.70 -7.10
C LEU A 79 2.59 -36.27 -8.46
N GLN A 80 2.90 -35.53 -9.52
CA GLN A 80 2.62 -35.97 -10.89
C GLN A 80 3.75 -35.61 -11.82
N SER A 81 4.11 -36.57 -12.67
CA SER A 81 5.19 -36.41 -13.62
C SER A 81 5.42 -34.97 -14.02
N GLU A 82 4.36 -34.30 -14.46
CA GLU A 82 4.44 -32.91 -14.90
C GLU A 82 4.56 -31.90 -13.77
N ASP A 83 4.34 -32.34 -12.53
CA ASP A 83 4.48 -31.45 -11.38
C ASP A 83 5.93 -30.98 -11.32
N GLU A 84 6.82 -31.75 -11.94
CA GLU A 84 8.24 -31.41 -11.93
C GLU A 84 8.56 -30.11 -12.65
N ALA A 85 8.89 -29.08 -11.89
CA ALA A 85 9.23 -27.76 -12.41
C ALA A 85 9.60 -26.83 -11.26
N ASP A 86 10.25 -25.71 -11.58
CA ASP A 86 10.69 -24.73 -10.58
C ASP A 86 9.58 -23.84 -10.02
N TYR A 87 9.57 -23.70 -8.70
CA TYR A 87 8.58 -22.89 -7.98
C TYR A 87 9.18 -21.65 -7.33
N TYR A 88 8.32 -20.68 -7.07
CA TYR A 88 8.75 -19.40 -6.50
C TYR A 88 7.65 -18.79 -5.60
N CYS A 89 8.06 -18.11 -4.53
CA CYS A 89 7.10 -17.46 -3.64
C CYS A 89 7.28 -15.97 -3.71
N ALA A 90 6.19 -15.22 -3.81
CA ALA A 90 6.31 -13.77 -3.88
C ALA A 90 5.38 -13.04 -2.91
N ALA A 91 5.93 -12.00 -2.27
CA ALA A 91 5.19 -11.16 -1.33
C ALA A 91 5.76 -9.75 -1.31
N TRP A 92 4.89 -8.76 -1.19
CA TRP A 92 5.33 -7.38 -1.16
C TRP A 92 5.97 -7.02 0.18
N ASP A 93 7.03 -6.22 0.15
CA ASP A 93 7.70 -5.83 1.39
C ASP A 93 7.44 -4.39 1.76
N ASP A 94 6.49 -4.16 2.66
CA ASP A 94 6.16 -2.81 3.09
C ASP A 94 7.41 -1.96 3.23
N SER A 95 8.51 -2.64 3.59
CA SER A 95 9.82 -2.05 3.83
C SER A 95 10.54 -1.32 2.71
N LEU A 96 10.91 -2.06 1.68
CA LEU A 96 11.65 -1.48 0.57
C LEU A 96 10.68 -1.01 -0.51
N SER A 97 9.38 -1.06 -0.20
CA SER A 97 8.37 -0.67 -1.17
C SER A 97 8.80 -1.20 -2.52
N GLU A 98 8.82 -2.53 -2.62
CA GLU A 98 9.20 -3.30 -3.81
C GLU A 98 8.55 -4.66 -3.64
N PHE A 99 8.53 -5.45 -4.70
CA PHE A 99 7.96 -6.79 -4.60
C PHE A 99 9.18 -7.69 -4.46
N LEU A 100 9.15 -8.59 -3.48
CA LEU A 100 10.29 -9.47 -3.23
C LEU A 100 10.10 -10.85 -3.80
N PHE A 101 11.11 -11.39 -4.47
CA PHE A 101 10.94 -12.74 -4.98
C PHE A 101 11.74 -13.81 -4.28
N GLY A 102 11.14 -14.99 -4.11
CA GLY A 102 11.79 -16.09 -3.44
C GLY A 102 12.94 -16.67 -4.23
N THR A 103 13.95 -17.14 -3.51
CA THR A 103 15.17 -17.71 -4.07
C THR A 103 15.00 -18.90 -5.01
N GLY A 104 13.84 -19.56 -4.97
CA GLY A 104 13.58 -20.69 -5.83
C GLY A 104 13.68 -22.08 -5.23
N THR A 105 13.06 -23.06 -5.89
CA THR A 105 13.04 -24.46 -5.47
C THR A 105 12.75 -25.32 -6.69
N LYS A 106 13.34 -26.51 -6.78
CA LYS A 106 13.02 -27.36 -7.93
C LYS A 106 12.47 -28.69 -7.49
N LEU A 107 11.15 -28.76 -7.44
CA LEU A 107 10.43 -29.97 -7.05
C LEU A 107 10.56 -30.98 -8.16
N THR A 108 11.52 -31.88 -7.99
CA THR A 108 11.80 -32.94 -8.94
C THR A 108 11.11 -34.21 -8.45
N VAL A 109 10.64 -35.02 -9.38
CA VAL A 109 9.98 -36.26 -9.02
C VAL A 109 10.81 -37.43 -9.51
N LEU A 110 11.41 -38.13 -8.55
CA LEU A 110 12.27 -39.26 -8.80
C LEU A 110 11.89 -40.13 -10.03
N GLY A 111 12.86 -40.30 -10.91
CA GLY A 111 12.69 -41.11 -12.11
C GLY A 111 13.76 -42.18 -12.06
N GLN A 112 14.64 -42.08 -11.06
CA GLN A 112 15.74 -43.03 -10.86
C GLN A 112 16.42 -42.85 -9.49
N PRO A 113 17.34 -43.74 -9.15
CA PRO A 113 17.98 -43.58 -7.86
C PRO A 113 18.81 -42.30 -7.88
N LYS A 114 18.89 -41.61 -6.74
CA LYS A 114 19.67 -40.39 -6.62
C LYS A 114 21.13 -40.70 -6.84
N ALA A 115 21.94 -39.66 -7.04
CA ALA A 115 23.36 -39.84 -7.24
C ALA A 115 24.02 -38.56 -6.75
N ALA A 116 25.25 -38.66 -6.30
CA ALA A 116 25.95 -37.48 -5.81
C ALA A 116 26.74 -36.84 -6.95
N PRO A 117 26.95 -35.53 -6.88
CA PRO A 117 27.69 -34.81 -7.92
C PRO A 117 29.16 -35.15 -7.71
N SER A 118 29.91 -35.27 -8.81
CA SER A 118 31.33 -35.61 -8.72
C SER A 118 32.14 -34.43 -9.24
N VAL A 119 32.76 -33.70 -8.31
CA VAL A 119 33.55 -32.49 -8.63
C VAL A 119 35.00 -32.74 -9.06
N THR A 120 35.41 -32.11 -10.15
CA THR A 120 36.76 -32.28 -10.65
C THR A 120 37.36 -30.91 -10.97
N LEU A 121 37.76 -30.19 -9.93
CA LEU A 121 38.32 -28.83 -10.09
C LEU A 121 39.65 -28.67 -10.81
N PHE A 122 39.57 -28.22 -12.05
CA PHE A 122 40.74 -27.97 -12.87
C PHE A 122 41.46 -26.68 -12.51
N PRO A 123 42.80 -26.68 -12.59
CA PRO A 123 43.55 -25.47 -12.27
C PRO A 123 43.96 -24.82 -13.59
N PRO A 124 44.14 -23.49 -13.61
CA PRO A 124 44.52 -22.81 -14.85
C PRO A 124 45.58 -23.58 -15.65
N SER A 125 45.36 -23.66 -16.97
CA SER A 125 46.30 -24.35 -17.84
C SER A 125 47.47 -23.41 -18.09
N SER A 126 48.62 -23.96 -18.44
CA SER A 126 49.79 -23.15 -18.68
C SER A 126 49.51 -21.96 -19.59
N GLU A 127 49.27 -22.25 -20.87
CA GLU A 127 49.03 -21.22 -21.87
C GLU A 127 48.20 -19.99 -21.46
N GLU A 128 46.93 -20.21 -21.12
CA GLU A 128 46.06 -19.10 -20.72
C GLU A 128 46.80 -18.15 -19.79
N LEU A 129 47.61 -18.72 -18.91
CA LEU A 129 48.36 -17.91 -17.96
C LEU A 129 49.28 -17.06 -18.78
N GLN A 130 49.96 -17.69 -19.73
CA GLN A 130 50.88 -16.96 -20.58
C GLN A 130 50.16 -15.74 -21.08
N ALA A 131 49.03 -15.96 -21.75
CA ALA A 131 48.23 -14.87 -22.29
C ALA A 131 47.53 -14.08 -21.19
N ASN A 132 48.27 -13.78 -20.13
CA ASN A 132 47.76 -13.01 -19.01
C ASN A 132 46.29 -13.19 -18.65
N LYS A 133 45.93 -14.37 -18.16
CA LYS A 133 44.57 -14.63 -17.76
C LYS A 133 44.56 -15.80 -16.77
N ALA A 134 43.45 -15.94 -16.03
CA ALA A 134 43.31 -17.01 -15.05
C ALA A 134 41.86 -17.51 -14.99
N THR A 135 41.66 -18.77 -15.35
CA THR A 135 40.33 -19.38 -15.35
C THR A 135 40.35 -20.75 -14.66
N LEU A 136 39.56 -20.89 -13.60
CA LEU A 136 39.47 -22.15 -12.87
C LEU A 136 38.21 -22.89 -13.30
N VAL A 137 38.37 -24.14 -13.67
CA VAL A 137 37.24 -24.93 -14.11
C VAL A 137 36.87 -26.01 -13.10
N CYS A 138 35.64 -25.95 -12.60
CA CYS A 138 35.12 -26.92 -11.63
C CYS A 138 34.02 -27.72 -12.34
N LEU A 139 34.08 -29.03 -12.29
CA LEU A 139 33.05 -29.80 -12.98
C LEU A 139 32.22 -30.69 -12.08
N ILE A 140 30.91 -30.70 -12.36
CA ILE A 140 29.92 -31.45 -11.57
C ILE A 140 29.00 -32.36 -12.39
N SER A 141 29.29 -33.65 -12.38
CA SER A 141 28.46 -34.56 -13.16
C SER A 141 27.84 -35.70 -12.42
N ASP A 142 26.97 -36.37 -13.16
CA ASP A 142 26.33 -37.54 -12.65
C ASP A 142 25.49 -37.39 -11.43
N PHE A 143 24.27 -36.89 -11.59
CA PHE A 143 23.38 -36.73 -10.45
C PHE A 143 21.97 -36.45 -10.93
N TYR A 144 20.97 -37.14 -10.37
CA TYR A 144 19.58 -36.96 -10.77
C TYR A 144 18.91 -35.76 -10.12
N PRO A 145 19.22 -35.50 -8.85
CA PRO A 145 18.60 -34.34 -8.20
C PRO A 145 19.36 -33.13 -8.74
N GLY A 146 19.28 -32.93 -10.05
CA GLY A 146 19.95 -31.81 -10.67
C GLY A 146 19.55 -30.51 -10.01
N ALA A 147 20.23 -30.19 -8.91
CA ALA A 147 19.96 -28.98 -8.16
C ALA A 147 21.08 -28.74 -7.19
N VAL A 148 22.23 -28.38 -7.73
CA VAL A 148 23.38 -28.10 -6.90
C VAL A 148 23.47 -26.60 -6.75
N THR A 149 24.18 -26.16 -5.73
CA THR A 149 24.37 -24.74 -5.53
C THR A 149 25.87 -24.62 -5.40
N VAL A 150 26.47 -23.80 -6.25
CA VAL A 150 27.92 -23.62 -6.30
C VAL A 150 28.49 -22.33 -5.73
N ALA A 151 29.49 -22.46 -4.87
CA ALA A 151 30.11 -21.30 -4.28
C ALA A 151 31.64 -21.43 -4.23
N TRP A 152 32.34 -20.30 -4.42
CA TRP A 152 33.81 -20.29 -4.40
C TRP A 152 34.40 -19.51 -3.21
N LYS A 153 35.60 -19.92 -2.83
CA LYS A 153 36.29 -19.35 -1.70
C LYS A 153 37.77 -19.17 -1.96
N ALA A 154 38.27 -17.96 -1.74
CA ALA A 154 39.68 -17.69 -1.91
C ALA A 154 40.23 -17.66 -0.49
N ASP A 155 41.10 -18.61 -0.18
CA ASP A 155 41.69 -18.74 1.16
C ASP A 155 40.57 -19.09 2.14
N SER A 156 40.60 -18.50 3.33
CA SER A 156 39.59 -18.76 4.34
C SER A 156 38.44 -17.77 4.25
N SER A 157 38.01 -17.48 3.03
CA SER A 157 36.91 -16.56 2.81
C SER A 157 36.27 -16.94 1.49
N PRO A 158 34.97 -16.61 1.33
CA PRO A 158 34.20 -16.90 0.12
C PRO A 158 34.13 -15.65 -0.74
N VAL A 159 34.10 -15.83 -2.05
CA VAL A 159 34.01 -14.67 -2.93
C VAL A 159 33.55 -15.13 -4.30
N LYS A 160 33.07 -14.20 -5.11
CA LYS A 160 32.62 -14.52 -6.46
C LYS A 160 33.14 -13.52 -7.47
N ALA A 161 33.16 -12.25 -7.06
CA ALA A 161 33.63 -11.16 -7.91
C ALA A 161 34.28 -11.69 -9.17
N GLY A 162 33.46 -12.16 -10.11
CA GLY A 162 34.00 -12.70 -11.33
C GLY A 162 33.76 -14.18 -11.46
N VAL A 163 32.67 -14.64 -10.86
CA VAL A 163 32.26 -16.04 -10.86
C VAL A 163 31.02 -16.28 -11.71
N GLU A 164 30.97 -17.43 -12.37
CA GLU A 164 29.81 -17.77 -13.20
C GLU A 164 29.44 -19.25 -13.09
N THR A 165 28.13 -19.50 -13.04
CA THR A 165 27.60 -20.86 -12.92
C THR A 165 26.47 -21.11 -13.90
N THR A 166 26.39 -22.33 -14.41
CA THR A 166 25.36 -22.71 -15.36
C THR A 166 24.23 -23.42 -14.66
N THR A 167 23.13 -23.60 -15.39
CA THR A 167 21.99 -24.32 -14.85
C THR A 167 22.18 -25.77 -15.24
N PRO A 168 22.11 -26.66 -14.25
CA PRO A 168 22.29 -28.09 -14.53
C PRO A 168 21.55 -28.49 -15.79
N SER A 169 22.07 -29.47 -16.52
CA SER A 169 21.40 -29.94 -17.74
C SER A 169 21.48 -31.45 -17.87
N LYS A 170 20.49 -32.05 -18.53
CA LYS A 170 20.45 -33.50 -18.71
C LYS A 170 21.60 -33.99 -19.58
N GLN A 171 22.23 -35.09 -19.19
CA GLN A 171 23.31 -35.64 -20.00
C GLN A 171 22.93 -37.03 -20.49
N SER A 172 23.77 -37.65 -21.31
CA SER A 172 23.50 -38.98 -21.86
C SER A 172 22.88 -39.98 -20.88
N ASN A 173 23.62 -40.35 -19.83
CA ASN A 173 23.13 -41.32 -18.85
C ASN A 173 22.04 -40.78 -17.93
N ASN A 174 21.08 -40.09 -18.53
CA ASN A 174 19.94 -39.52 -17.81
C ASN A 174 20.23 -38.87 -16.45
N LYS A 175 21.42 -38.29 -16.29
CA LYS A 175 21.76 -37.61 -15.04
C LYS A 175 22.17 -36.19 -15.43
N TYR A 176 22.26 -35.29 -14.45
CA TYR A 176 22.60 -33.91 -14.74
C TYR A 176 24.07 -33.59 -14.55
N ALA A 177 24.51 -32.46 -15.10
CA ALA A 177 25.89 -32.02 -14.99
C ALA A 177 26.11 -30.58 -15.48
N ALA A 178 26.46 -29.68 -14.57
CA ALA A 178 26.69 -28.29 -14.93
C ALA A 178 28.13 -27.91 -14.63
N SER A 179 28.44 -26.62 -14.74
CA SER A 179 29.80 -26.17 -14.49
C SER A 179 29.88 -24.73 -14.02
N SER A 180 30.96 -24.41 -13.32
CA SER A 180 31.15 -23.06 -12.83
C SER A 180 32.48 -22.51 -13.28
N TYR A 181 32.55 -21.21 -13.45
CA TYR A 181 33.78 -20.57 -13.89
C TYR A 181 34.22 -19.46 -12.96
N LEU A 182 35.53 -19.33 -12.84
CA LEU A 182 36.13 -18.31 -11.98
C LEU A 182 37.35 -17.66 -12.62
N SER A 183 37.17 -16.44 -13.14
CA SER A 183 38.26 -15.72 -13.77
C SER A 183 39.02 -14.85 -12.79
N LEU A 184 40.33 -14.80 -12.99
CA LEU A 184 41.22 -14.03 -12.15
C LEU A 184 42.36 -13.45 -12.94
N THR A 185 42.99 -12.43 -12.38
CA THR A 185 44.14 -11.85 -13.01
C THR A 185 45.18 -12.88 -12.64
N PRO A 186 46.11 -13.16 -13.55
CA PRO A 186 47.16 -14.14 -13.27
C PRO A 186 47.79 -13.85 -11.90
N GLU A 187 47.77 -12.56 -11.54
CA GLU A 187 48.33 -12.10 -10.27
C GLU A 187 47.44 -12.51 -9.10
N GLN A 188 46.14 -12.28 -9.24
CA GLN A 188 45.19 -12.63 -8.19
C GLN A 188 45.42 -14.07 -7.75
N TRP A 189 45.62 -14.93 -8.74
CA TRP A 189 45.88 -16.34 -8.54
C TRP A 189 47.14 -16.54 -7.72
N LYS A 190 48.19 -15.82 -8.09
CA LYS A 190 49.47 -15.92 -7.42
C LYS A 190 49.35 -15.72 -5.91
N SER A 191 49.29 -14.47 -5.47
CA SER A 191 49.20 -14.12 -4.04
C SER A 191 48.38 -15.07 -3.18
N HIS A 192 47.07 -15.13 -3.41
CA HIS A 192 46.20 -16.00 -2.63
C HIS A 192 46.65 -17.46 -2.64
N LYS A 193 46.78 -18.03 -1.45
CA LYS A 193 47.22 -19.40 -1.31
C LYS A 193 46.24 -20.45 -1.81
N SER A 194 45.14 -20.67 -1.09
CA SER A 194 44.19 -21.71 -1.49
C SER A 194 42.83 -21.28 -2.05
N TYR A 195 42.55 -21.74 -3.28
CA TYR A 195 41.29 -21.46 -3.96
C TYR A 195 40.46 -22.74 -3.90
N SER A 196 39.18 -22.60 -3.56
CA SER A 196 38.27 -23.74 -3.41
C SER A 196 36.94 -23.66 -4.17
N CYS A 197 36.53 -24.76 -4.79
CA CYS A 197 35.25 -24.82 -5.48
C CYS A 197 34.35 -25.54 -4.50
N GLN A 198 33.05 -25.27 -4.53
CA GLN A 198 32.14 -25.95 -3.62
C GLN A 198 30.76 -26.31 -4.16
N VAL A 199 30.34 -27.54 -3.91
CA VAL A 199 29.04 -27.98 -4.36
C VAL A 199 28.22 -28.57 -3.22
N THR A 200 27.11 -27.92 -2.92
CA THR A 200 26.21 -28.40 -1.87
C THR A 200 25.05 -29.07 -2.63
N HIS A 201 24.84 -30.36 -2.37
CA HIS A 201 23.80 -31.13 -3.04
C HIS A 201 23.14 -32.17 -2.14
N GLU A 202 21.95 -31.82 -1.63
CA GLU A 202 21.17 -32.67 -0.73
C GLU A 202 21.65 -32.54 0.71
N GLY A 203 22.13 -31.37 1.08
CA GLY A 203 22.62 -31.19 2.44
C GLY A 203 24.07 -31.60 2.63
N SER A 204 24.64 -32.32 1.66
CA SER A 204 26.04 -32.72 1.73
C SER A 204 26.80 -31.71 0.88
N THR A 205 28.01 -31.38 1.27
CA THR A 205 28.75 -30.37 0.52
C THR A 205 30.17 -30.79 0.16
N VAL A 206 30.31 -31.45 -0.99
CA VAL A 206 31.61 -31.91 -1.48
C VAL A 206 32.47 -30.69 -1.78
N GLU A 207 33.36 -30.34 -0.85
CA GLU A 207 34.23 -29.17 -1.00
C GLU A 207 35.66 -29.51 -1.48
N LYS A 208 35.93 -29.26 -2.76
CA LYS A 208 37.23 -29.53 -3.38
C LYS A 208 38.11 -28.29 -3.34
N THR A 209 39.27 -28.37 -2.72
CA THR A 209 40.18 -27.23 -2.63
C THR A 209 41.47 -27.45 -3.44
N VAL A 210 42.00 -26.38 -4.00
CA VAL A 210 43.22 -26.45 -4.79
C VAL A 210 44.11 -25.25 -4.45
N ALA A 211 45.36 -25.29 -4.90
CA ALA A 211 46.34 -24.23 -4.64
C ALA A 211 47.31 -23.99 -5.82
N PRO A 212 47.99 -22.82 -5.84
CA PRO A 212 48.94 -22.44 -6.89
C PRO A 212 49.86 -23.54 -7.37
N THR A 213 50.89 -23.81 -6.60
CA THR A 213 51.92 -24.80 -6.92
C THR A 213 51.46 -26.23 -7.22
N GLY B 1 -10.10 -15.99 -23.35
CA GLY B 1 -9.50 -15.28 -24.51
C GLY B 1 -8.19 -14.60 -24.17
N VAL B 2 -7.79 -14.65 -22.90
CA VAL B 2 -6.55 -14.01 -22.47
C VAL B 2 -5.43 -14.20 -23.44
N GLN B 3 -4.55 -13.19 -23.48
CA GLN B 3 -3.41 -13.20 -24.39
C GLN B 3 -2.39 -12.11 -24.06
N LEU B 4 -1.13 -12.52 -23.97
CA LEU B 4 -0.06 -11.59 -23.66
C LEU B 4 1.19 -12.00 -24.40
N VAL B 5 1.73 -11.07 -25.18
CA VAL B 5 2.93 -11.31 -25.95
C VAL B 5 3.85 -10.10 -25.86
N GLU B 6 5.09 -10.33 -25.44
CA GLU B 6 6.06 -9.25 -25.31
C GLU B 6 6.86 -9.11 -26.58
N SER B 7 7.46 -7.94 -26.76
CA SER B 7 8.28 -7.72 -27.94
C SER B 7 9.22 -6.55 -27.71
N GLY B 8 10.30 -6.50 -28.50
CA GLY B 8 11.28 -5.44 -28.37
C GLY B 8 12.57 -6.01 -27.86
N GLY B 9 12.72 -7.33 -27.97
CA GLY B 9 13.93 -7.98 -27.48
C GLY B 9 14.98 -8.36 -28.49
N GLY B 10 16.22 -8.14 -28.11
CA GLY B 10 17.34 -8.46 -28.98
C GLY B 10 18.65 -8.27 -28.25
N VAL B 11 19.56 -7.56 -28.88
CA VAL B 11 20.87 -7.31 -28.31
C VAL B 11 21.14 -5.81 -28.28
N VAL B 12 21.69 -5.28 -27.20
CA VAL B 12 21.98 -3.85 -27.16
C VAL B 12 23.30 -3.53 -26.50
N GLN B 13 24.10 -2.67 -27.13
CA GLN B 13 25.38 -2.32 -26.55
C GLN B 13 25.15 -1.65 -25.19
N PRO B 14 26.17 -1.69 -24.31
CA PRO B 14 26.09 -1.08 -22.97
C PRO B 14 25.60 0.36 -22.98
N GLY B 15 24.87 0.73 -21.94
CA GLY B 15 24.38 2.08 -21.82
C GLY B 15 23.63 2.68 -23.01
N ARG B 16 23.27 1.91 -24.02
CA ARG B 16 22.54 2.51 -25.13
C ARG B 16 21.07 2.67 -24.67
N SER B 17 20.13 2.43 -25.59
CA SER B 17 18.70 2.57 -25.31
C SER B 17 17.84 1.45 -25.93
N LEU B 18 16.63 1.25 -25.38
CA LEU B 18 15.72 0.22 -25.88
C LEU B 18 14.42 0.09 -25.07
N ARG B 19 13.27 -0.05 -25.75
CA ARG B 19 11.99 -0.20 -25.04
C ARG B 19 11.12 -1.35 -25.52
N LEU B 20 10.61 -2.10 -24.56
CA LEU B 20 9.78 -3.26 -24.85
C LEU B 20 8.30 -2.92 -24.80
N SER B 21 7.49 -3.73 -25.46
CA SER B 21 6.07 -3.52 -25.48
C SER B 21 5.28 -4.80 -25.35
N CYS B 22 4.30 -4.77 -24.45
CA CYS B 22 3.46 -5.92 -24.16
C CYS B 22 2.04 -5.67 -24.60
N ALA B 23 1.54 -6.54 -25.46
CA ALA B 23 0.17 -6.42 -25.94
C ALA B 23 -0.74 -7.36 -25.17
N ALA B 24 -1.83 -6.82 -24.63
CA ALA B 24 -2.81 -7.60 -23.87
C ALA B 24 -4.02 -7.91 -24.71
N SER B 25 -4.83 -8.87 -24.28
CA SER B 25 -6.01 -9.24 -25.03
C SER B 25 -6.90 -10.06 -24.12
N GLY B 26 -8.18 -10.18 -24.49
CA GLY B 26 -9.10 -10.97 -23.71
C GLY B 26 -9.63 -10.36 -22.42
N PHE B 27 -9.43 -9.07 -22.21
CA PHE B 27 -9.95 -8.44 -21.00
C PHE B 27 -9.98 -6.93 -21.06
N THR B 28 -10.56 -6.34 -20.02
CA THR B 28 -10.65 -4.91 -19.92
C THR B 28 -9.30 -4.44 -19.43
N PHE B 29 -8.31 -4.57 -20.31
CA PHE B 29 -6.94 -4.18 -20.03
C PHE B 29 -6.91 -2.78 -19.43
N SER B 30 -7.88 -1.98 -19.84
CA SER B 30 -8.03 -0.58 -19.41
C SER B 30 -8.20 -0.45 -17.91
N THR B 31 -8.56 -1.56 -17.26
CA THR B 31 -8.80 -1.56 -15.84
C THR B 31 -7.82 -2.35 -14.98
N TYR B 32 -7.02 -3.22 -15.57
CA TYR B 32 -6.07 -3.98 -14.75
C TYR B 32 -4.69 -3.29 -14.59
N ALA B 33 -4.07 -3.45 -13.42
CA ALA B 33 -2.75 -2.86 -13.22
C ALA B 33 -1.77 -3.80 -13.92
N MET B 34 -0.52 -3.39 -14.05
CA MET B 34 0.47 -4.23 -14.74
C MET B 34 1.84 -4.36 -14.09
N HIS B 35 2.48 -5.48 -14.35
CA HIS B 35 3.81 -5.80 -13.82
C HIS B 35 4.89 -6.11 -14.85
N TRP B 36 6.11 -6.09 -14.35
CA TRP B 36 7.29 -6.41 -15.13
C TRP B 36 8.20 -7.24 -14.26
N VAL B 37 8.52 -8.43 -14.74
CA VAL B 37 9.38 -9.32 -14.00
C VAL B 37 10.43 -9.86 -14.94
N ARG B 38 11.70 -9.62 -14.62
CA ARG B 38 12.75 -10.12 -15.49
C ARG B 38 13.34 -11.38 -14.89
N GLN B 39 14.07 -12.14 -15.68
CA GLN B 39 14.69 -13.37 -15.20
C GLN B 39 15.99 -13.66 -15.91
N ALA B 40 17.11 -13.43 -15.23
CA ALA B 40 18.42 -13.65 -15.81
C ALA B 40 18.65 -15.09 -16.25
N PRO B 41 19.74 -15.35 -17.00
CA PRO B 41 20.00 -16.72 -17.43
C PRO B 41 20.02 -17.61 -16.20
N GLY B 42 19.04 -18.51 -16.11
CA GLY B 42 18.97 -19.43 -14.98
C GLY B 42 18.61 -18.83 -13.63
N LYS B 43 19.16 -17.66 -13.32
CA LYS B 43 18.87 -17.00 -12.06
C LYS B 43 17.35 -16.96 -11.84
N GLY B 44 16.94 -16.78 -10.59
CA GLY B 44 15.52 -16.74 -10.27
C GLY B 44 14.83 -15.50 -10.83
N LEU B 45 13.51 -15.44 -10.68
CA LEU B 45 12.80 -14.29 -11.21
C LEU B 45 13.16 -13.12 -10.33
N GLU B 46 12.96 -11.91 -10.83
CA GLU B 46 13.22 -10.69 -10.05
C GLU B 46 12.15 -9.68 -10.46
N TRP B 47 11.52 -9.05 -9.49
CA TRP B 47 10.49 -8.09 -9.83
C TRP B 47 11.13 -6.77 -10.24
N VAL B 48 10.50 -6.11 -11.20
CA VAL B 48 11.00 -4.83 -11.70
C VAL B 48 10.17 -3.66 -11.22
N ALA B 49 8.98 -3.52 -11.78
CA ALA B 49 8.07 -2.42 -11.44
C ALA B 49 6.61 -2.75 -11.58
N ILE B 50 5.78 -1.73 -11.41
CA ILE B 50 4.36 -1.91 -11.52
C ILE B 50 3.64 -0.58 -11.67
N ILE B 51 2.67 -0.56 -12.56
CA ILE B 51 1.93 0.67 -12.83
C ILE B 51 0.42 0.45 -12.66
N SER B 52 -0.27 1.50 -12.24
CA SER B 52 -1.72 1.45 -12.03
C SER B 52 -2.47 1.30 -13.34
N TYR B 53 -3.76 0.98 -13.26
CA TYR B 53 -4.59 0.82 -14.46
C TYR B 53 -4.70 2.11 -15.25
N ASP B 54 -4.96 3.21 -14.54
CA ASP B 54 -5.13 4.51 -15.21
C ASP B 54 -3.80 5.11 -15.61
N GLY B 55 -2.73 4.49 -15.14
CA GLY B 55 -1.42 4.96 -15.48
C GLY B 55 -0.90 6.14 -14.67
N SER B 56 -1.52 6.41 -13.52
CA SER B 56 -1.08 7.51 -12.66
C SER B 56 0.14 7.11 -11.84
N LYS B 57 -0.08 6.45 -10.70
CA LYS B 57 1.05 6.05 -9.86
C LYS B 57 1.68 4.73 -10.28
N LYS B 58 2.98 4.61 -10.01
CA LYS B 58 3.74 3.44 -10.35
C LYS B 58 4.95 3.40 -9.42
N TYR B 59 5.45 2.19 -9.11
CA TYR B 59 6.61 1.95 -8.22
C TYR B 59 7.75 1.15 -8.87
N TYR B 60 8.98 1.51 -8.54
CA TYR B 60 10.14 0.80 -9.09
C TYR B 60 10.97 0.17 -7.99
N ALA B 61 11.93 -0.65 -8.41
CA ALA B 61 12.79 -1.31 -7.46
C ALA B 61 14.01 -0.42 -7.27
N ASP B 62 14.68 -0.54 -6.13
CA ASP B 62 15.86 0.29 -5.88
C ASP B 62 16.96 -0.28 -6.75
N SER B 63 16.54 -0.98 -7.80
CA SER B 63 17.49 -1.60 -8.70
C SER B 63 17.55 -0.88 -10.03
N VAL B 64 16.43 -0.29 -10.41
CA VAL B 64 16.36 0.41 -11.68
C VAL B 64 15.95 1.87 -11.55
N LYS B 65 15.48 2.28 -10.37
CA LYS B 65 15.04 3.66 -10.17
C LYS B 65 15.91 4.62 -10.94
N GLY B 66 15.35 5.16 -12.02
CA GLY B 66 16.09 6.10 -12.83
C GLY B 66 16.38 5.68 -14.26
N ARG B 67 16.94 4.49 -14.42
CA ARG B 67 17.28 3.99 -15.75
C ARG B 67 16.04 3.51 -16.50
N PHE B 68 15.11 2.92 -15.75
CA PHE B 68 13.87 2.37 -16.30
C PHE B 68 12.67 3.33 -16.27
N THR B 69 11.73 3.10 -17.17
CA THR B 69 10.52 3.93 -17.26
C THR B 69 9.34 3.05 -17.70
N ILE B 70 8.31 2.90 -16.88
CA ILE B 70 7.17 2.06 -17.24
C ILE B 70 5.89 2.84 -17.58
N SER B 71 5.36 2.59 -18.77
CA SER B 71 4.15 3.27 -19.25
C SER B 71 3.11 2.35 -19.85
N ARG B 72 2.08 2.94 -20.43
CA ARG B 72 1.00 2.18 -21.06
C ARG B 72 0.04 3.04 -21.89
N ASP B 73 -0.23 2.62 -23.13
CA ASP B 73 -1.13 3.35 -24.02
C ASP B 73 -2.51 2.72 -24.04
N ASN B 74 -3.19 2.75 -22.90
CA ASN B 74 -4.53 2.20 -22.76
C ASN B 74 -5.31 2.19 -24.08
N SER B 75 -5.23 3.26 -24.84
CA SER B 75 -5.93 3.31 -26.13
C SER B 75 -5.54 2.11 -26.99
N LYS B 76 -4.25 1.85 -27.09
CA LYS B 76 -3.76 0.73 -27.88
C LYS B 76 -3.56 -0.56 -27.08
N ASN B 77 -4.33 -0.73 -26.00
CA ASN B 77 -4.26 -1.91 -25.15
C ASN B 77 -2.83 -2.47 -25.11
N THR B 78 -1.84 -1.59 -25.19
CA THR B 78 -0.43 -2.00 -25.15
C THR B 78 0.24 -1.51 -23.88
N LEU B 79 1.28 -2.20 -23.45
CA LEU B 79 2.00 -1.82 -22.23
C LEU B 79 3.46 -1.62 -22.56
N TYR B 80 4.11 -0.68 -21.89
CA TYR B 80 5.52 -0.39 -22.17
C TYR B 80 6.50 -0.46 -21.01
N LEU B 81 7.77 -0.28 -21.36
CA LEU B 81 8.91 -0.27 -20.44
C LEU B 81 10.11 0.28 -21.20
N GLN B 82 10.62 1.41 -20.73
CA GLN B 82 11.76 2.07 -21.35
C GLN B 82 12.99 1.91 -20.47
N MET B 83 14.03 1.29 -21.03
CA MET B 83 15.29 1.04 -20.32
C MET B 83 16.43 1.80 -20.99
N ASN B 84 17.18 2.58 -20.22
CA ASN B 84 18.30 3.31 -20.78
C ASN B 84 19.50 3.00 -19.92
N SER B 85 20.69 3.00 -20.51
CA SER B 85 21.89 2.72 -19.75
C SER B 85 21.80 1.29 -19.22
N LEU B 86 21.78 0.33 -20.13
CA LEU B 86 21.68 -1.05 -19.72
C LEU B 86 22.99 -1.57 -19.20
N ARG B 87 23.00 -1.95 -17.94
CA ARG B 87 24.19 -2.51 -17.35
C ARG B 87 24.00 -4.01 -17.58
N ALA B 88 25.01 -4.65 -18.18
CA ALA B 88 24.94 -6.08 -18.51
C ALA B 88 24.16 -6.92 -17.49
N GLU B 89 24.22 -6.55 -16.22
CA GLU B 89 23.50 -7.26 -15.17
C GLU B 89 22.05 -7.44 -15.62
N ASP B 90 21.60 -6.50 -16.46
CA ASP B 90 20.24 -6.50 -16.98
C ASP B 90 19.99 -7.61 -17.97
N THR B 91 21.01 -8.02 -18.71
CA THR B 91 20.84 -9.10 -19.68
C THR B 91 19.91 -10.11 -19.03
N ALA B 92 18.75 -10.37 -19.64
CA ALA B 92 17.81 -11.33 -19.07
C ALA B 92 16.51 -11.37 -19.86
N VAL B 93 15.57 -12.16 -19.37
CA VAL B 93 14.28 -12.27 -20.04
C VAL B 93 13.29 -11.33 -19.39
N TYR B 94 12.47 -10.68 -20.21
CA TYR B 94 11.49 -9.73 -19.69
C TYR B 94 10.06 -10.20 -19.77
N TYR B 95 9.57 -10.75 -18.67
CA TYR B 95 8.22 -11.25 -18.60
C TYR B 95 7.21 -10.15 -18.31
N CYS B 96 6.11 -10.17 -19.05
CA CYS B 96 5.04 -9.20 -18.87
C CYS B 96 3.90 -9.82 -18.05
N ALA B 97 3.53 -9.22 -16.92
CA ALA B 97 2.44 -9.77 -16.10
C ALA B 97 1.31 -8.85 -15.63
N ARG B 98 0.10 -9.42 -15.64
CA ARG B 98 -1.11 -8.72 -15.25
C ARG B 98 -1.39 -8.96 -13.79
N ALA B 99 -1.81 -7.91 -13.10
CA ALA B 99 -2.12 -8.01 -11.69
C ALA B 99 -3.61 -8.19 -11.46
N SER B 100 -3.93 -9.19 -10.65
CA SER B 100 -5.30 -9.50 -10.29
C SER B 100 -6.07 -8.19 -10.09
N ILE B 101 -7.33 -8.23 -10.46
CA ILE B 101 -8.17 -7.07 -10.34
C ILE B 101 -8.45 -6.84 -8.87
N ALA B 102 -8.83 -7.91 -8.17
CA ALA B 102 -9.11 -7.84 -6.75
C ALA B 102 -7.82 -7.64 -6.00
N ALA B 103 -6.72 -8.11 -6.58
CA ALA B 103 -5.43 -7.98 -5.93
C ALA B 103 -4.27 -7.68 -6.87
N ALA B 104 -3.64 -6.52 -6.67
CA ALA B 104 -2.51 -6.09 -7.48
C ALA B 104 -1.28 -6.88 -7.11
N ARG B 105 -1.27 -7.39 -5.87
CA ARG B 105 -0.17 -8.17 -5.34
C ARG B 105 -0.17 -9.61 -5.88
N VAL B 106 -1.08 -9.91 -6.81
CA VAL B 106 -1.19 -11.25 -7.44
C VAL B 106 -1.08 -11.08 -8.93
N LEU B 107 -0.08 -11.70 -9.52
CA LEU B 107 0.08 -11.61 -10.95
C LEU B 107 -0.62 -12.86 -11.44
N ASP B 108 -1.77 -12.71 -12.11
CA ASP B 108 -2.51 -13.88 -12.59
C ASP B 108 -2.16 -14.38 -13.99
N TYR B 109 -1.56 -13.52 -14.80
CA TYR B 109 -1.18 -13.92 -16.16
C TYR B 109 0.13 -13.36 -16.68
N TRP B 110 0.99 -14.27 -17.13
CA TRP B 110 2.29 -13.93 -17.68
C TRP B 110 2.33 -14.52 -19.07
N GLY B 111 2.99 -13.86 -20.01
CA GLY B 111 3.12 -14.43 -21.34
C GLY B 111 4.60 -14.75 -21.46
N ARG B 112 4.99 -15.72 -22.28
CA ARG B 112 6.42 -16.03 -22.40
C ARG B 112 7.10 -14.76 -22.87
N GLY B 113 7.84 -14.15 -21.94
CA GLY B 113 8.52 -12.89 -22.18
C GLY B 113 9.32 -12.69 -23.45
N THR B 114 10.33 -11.83 -23.38
CA THR B 114 11.17 -11.59 -24.55
C THR B 114 12.64 -11.54 -24.15
N MET B 115 13.47 -12.20 -24.96
CA MET B 115 14.91 -12.30 -24.72
C MET B 115 15.63 -10.98 -24.92
N VAL B 116 16.45 -10.62 -23.95
CA VAL B 116 17.18 -9.37 -24.03
C VAL B 116 18.65 -9.58 -23.70
N THR B 117 19.51 -9.04 -24.53
CA THR B 117 20.94 -9.19 -24.33
C THR B 117 21.73 -7.89 -24.40
N VAL B 118 22.40 -7.57 -23.29
CA VAL B 118 23.25 -6.40 -23.18
C VAL B 118 24.64 -6.85 -23.57
N SER B 119 25.14 -6.33 -24.68
CA SER B 119 26.47 -6.69 -25.13
C SER B 119 27.03 -5.69 -26.13
N SER B 120 28.36 -5.59 -26.14
CA SER B 120 29.06 -4.69 -27.05
C SER B 120 29.69 -5.51 -28.17
N ALA B 121 29.95 -6.77 -27.85
CA ALA B 121 30.57 -7.75 -28.73
C ALA B 121 29.99 -7.93 -30.12
N SER B 122 30.87 -8.20 -31.09
CA SER B 122 30.50 -8.45 -32.49
C SER B 122 30.99 -9.87 -32.81
N THR B 123 31.53 -10.13 -34.00
CA THR B 123 31.98 -11.50 -34.29
C THR B 123 33.35 -11.77 -33.75
N LYS B 124 33.42 -12.54 -32.66
CA LYS B 124 34.71 -12.87 -32.06
C LYS B 124 34.93 -14.38 -32.11
N GLY B 125 36.21 -14.76 -32.14
CA GLY B 125 36.58 -16.16 -32.19
C GLY B 125 37.03 -16.66 -30.82
N PRO B 126 37.11 -17.98 -30.64
CA PRO B 126 37.51 -18.64 -29.39
C PRO B 126 38.92 -18.35 -28.92
N SER B 127 39.38 -19.18 -27.99
CA SER B 127 40.69 -19.07 -27.38
C SER B 127 40.89 -20.33 -26.54
N VAL B 128 41.15 -21.45 -27.22
CA VAL B 128 41.32 -22.74 -26.56
C VAL B 128 42.61 -22.93 -25.76
N PHE B 129 42.50 -23.83 -24.78
CA PHE B 129 43.58 -24.20 -23.87
C PHE B 129 43.34 -25.65 -23.46
N PRO B 130 44.28 -26.25 -22.72
CA PRO B 130 44.06 -27.63 -22.31
C PRO B 130 43.62 -27.71 -20.85
N LEU B 131 43.15 -28.89 -20.45
CA LEU B 131 42.71 -29.15 -19.07
C LEU B 131 43.51 -30.35 -18.55
N ALA B 132 44.72 -30.04 -18.09
CA ALA B 132 45.64 -31.03 -17.57
C ALA B 132 45.04 -32.06 -16.63
N PRO B 133 45.07 -33.35 -17.02
CA PRO B 133 44.56 -34.49 -16.24
C PRO B 133 45.39 -34.86 -15.00
N SER B 134 44.70 -35.31 -13.96
CA SER B 134 45.27 -35.73 -12.67
C SER B 134 45.64 -34.54 -11.79
N GLY B 141 39.74 -42.41 -9.85
CA GLY B 141 40.13 -43.79 -10.11
C GLY B 141 40.06 -44.16 -11.58
N THR B 142 39.80 -43.16 -12.43
CA THR B 142 39.71 -43.37 -13.86
C THR B 142 40.59 -42.46 -14.72
N ALA B 143 40.11 -41.24 -15.01
CA ALA B 143 40.89 -40.29 -15.83
C ALA B 143 40.25 -38.91 -16.08
N ALA B 144 40.74 -37.91 -15.35
CA ALA B 144 40.24 -36.54 -15.43
C ALA B 144 40.94 -35.61 -16.42
N LEU B 145 40.25 -35.13 -17.45
CA LEU B 145 40.88 -34.19 -18.41
C LEU B 145 39.92 -33.63 -19.45
N GLY B 146 40.29 -32.50 -20.06
CA GLY B 146 39.43 -31.92 -21.07
C GLY B 146 39.94 -30.68 -21.79
N CYS B 147 39.06 -30.07 -22.58
CA CYS B 147 39.37 -28.86 -23.35
C CYS B 147 38.46 -27.72 -22.91
N LEU B 148 39.07 -26.56 -22.68
CA LEU B 148 38.35 -25.35 -22.26
C LEU B 148 38.34 -24.32 -23.38
N VAL B 149 37.21 -23.65 -23.57
CA VAL B 149 37.06 -22.63 -24.60
C VAL B 149 36.57 -21.35 -23.94
N LYS B 150 36.82 -20.21 -24.55
CA LYS B 150 36.38 -18.97 -23.92
C LYS B 150 36.41 -17.76 -24.83
N ASP B 151 35.74 -16.72 -24.38
CA ASP B 151 35.72 -15.46 -25.11
C ASP B 151 35.32 -15.48 -26.59
N TYR B 152 34.02 -15.35 -26.85
CA TYR B 152 33.47 -15.31 -28.22
C TYR B 152 32.00 -14.83 -28.16
N PHE B 153 31.46 -14.36 -29.30
CA PHE B 153 30.08 -13.85 -29.34
C PHE B 153 29.02 -14.59 -30.14
N PRO B 154 29.37 -15.06 -31.34
CA PRO B 154 28.34 -15.78 -32.09
C PRO B 154 27.88 -16.97 -31.22
N GLU B 155 26.60 -17.33 -31.21
CA GLU B 155 26.23 -18.44 -30.31
C GLU B 155 26.51 -19.92 -30.66
N PRO B 156 26.39 -20.31 -31.94
CA PRO B 156 26.66 -21.71 -32.33
C PRO B 156 28.13 -22.18 -32.11
N VAL B 157 28.34 -23.25 -31.36
CA VAL B 157 29.70 -23.78 -31.10
C VAL B 157 29.74 -25.32 -30.97
N THR B 158 30.29 -25.99 -31.98
CA THR B 158 30.38 -27.46 -31.98
C THR B 158 31.72 -27.97 -31.47
N VAL B 159 31.74 -29.25 -31.13
CA VAL B 159 32.93 -29.91 -30.61
C VAL B 159 32.92 -31.41 -30.92
N SER B 160 34.12 -31.99 -30.88
CA SER B 160 34.31 -33.43 -31.12
C SER B 160 35.62 -33.79 -30.45
N TRP B 161 35.86 -35.08 -30.22
CA TRP B 161 37.10 -35.50 -29.58
C TRP B 161 37.94 -36.50 -30.38
N ASN B 162 39.22 -36.17 -30.52
CA ASN B 162 40.18 -36.97 -31.27
C ASN B 162 39.54 -37.36 -32.58
N SER B 163 38.99 -36.34 -33.25
CA SER B 163 38.30 -36.50 -34.52
C SER B 163 36.94 -37.20 -34.38
N GLY B 164 36.77 -37.93 -33.28
CA GLY B 164 35.52 -38.64 -33.04
C GLY B 164 35.73 -40.10 -32.64
N ALA B 165 36.89 -40.40 -32.06
CA ALA B 165 37.19 -41.76 -31.63
C ALA B 165 36.40 -42.07 -30.37
N LEU B 166 35.29 -42.78 -30.54
CA LEU B 166 34.43 -43.16 -29.42
C LEU B 166 34.22 -42.02 -28.43
N THR B 167 33.26 -41.16 -28.74
CA THR B 167 32.96 -40.00 -27.91
C THR B 167 32.25 -40.30 -26.60
N SER B 168 32.33 -41.54 -26.13
CA SER B 168 31.68 -41.89 -24.87
C SER B 168 32.47 -41.39 -23.66
N GLY B 169 31.76 -41.15 -22.57
CA GLY B 169 32.38 -40.63 -21.37
C GLY B 169 32.61 -39.16 -21.63
N VAL B 170 31.76 -38.55 -22.45
CA VAL B 170 31.86 -37.13 -22.80
C VAL B 170 30.57 -36.35 -22.92
N HIS B 171 30.53 -35.24 -22.20
CA HIS B 171 29.39 -34.32 -22.21
C HIS B 171 29.97 -32.92 -22.29
N THR B 172 29.42 -32.11 -23.20
CA THR B 172 29.89 -30.73 -23.36
C THR B 172 28.88 -29.76 -22.74
N PHE B 173 29.37 -28.98 -21.78
CA PHE B 173 28.58 -28.02 -21.03
C PHE B 173 28.06 -26.82 -21.77
N PRO B 174 26.96 -26.26 -21.28
CA PRO B 174 26.39 -25.07 -21.92
C PRO B 174 27.30 -23.89 -21.57
N ALA B 175 27.59 -23.04 -22.55
CA ALA B 175 28.44 -21.87 -22.34
C ALA B 175 27.77 -20.88 -21.40
N VAL B 176 28.32 -19.68 -21.34
CA VAL B 176 27.77 -18.69 -20.44
C VAL B 176 28.13 -17.25 -20.86
N LEU B 177 27.30 -16.28 -20.43
CA LEU B 177 27.50 -14.86 -20.72
C LEU B 177 28.19 -14.16 -19.55
N GLN B 178 29.43 -13.76 -19.75
CA GLN B 178 30.19 -13.11 -18.69
C GLN B 178 29.91 -11.62 -18.60
N SER B 179 30.48 -10.97 -17.58
CA SER B 179 30.31 -9.54 -17.40
C SER B 179 30.68 -8.91 -18.73
N SER B 180 31.82 -9.32 -19.27
CA SER B 180 32.30 -8.82 -20.56
C SER B 180 31.39 -9.31 -21.67
N GLY B 181 30.34 -10.03 -21.29
CA GLY B 181 29.38 -10.53 -22.26
C GLY B 181 29.97 -11.29 -23.43
N LEU B 182 30.73 -12.33 -23.11
CA LEU B 182 31.37 -13.19 -24.11
C LEU B 182 31.10 -14.62 -23.67
N TYR B 183 30.59 -15.45 -24.57
CA TYR B 183 30.26 -16.83 -24.20
C TYR B 183 31.44 -17.80 -24.10
N SER B 184 31.48 -18.57 -23.00
CA SER B 184 32.54 -19.57 -22.73
C SER B 184 31.98 -20.93 -22.30
N LEU B 185 32.68 -22.01 -22.68
CA LEU B 185 32.25 -23.36 -22.32
C LEU B 185 33.40 -24.38 -22.35
N SER B 186 33.09 -25.66 -22.13
CA SER B 186 34.12 -26.69 -22.13
C SER B 186 33.60 -28.13 -22.23
N SER B 187 34.30 -28.96 -23.00
CA SER B 187 33.93 -30.36 -23.13
C SER B 187 34.96 -31.16 -22.34
N VAL B 188 34.52 -32.28 -21.77
CA VAL B 188 35.38 -33.10 -20.93
C VAL B 188 35.49 -34.57 -21.33
N VAL B 189 36.48 -35.27 -20.79
CA VAL B 189 36.70 -36.68 -21.14
C VAL B 189 37.20 -37.64 -20.04
N THR B 190 36.96 -38.93 -20.29
CA THR B 190 37.35 -40.00 -19.37
C THR B 190 38.04 -41.10 -20.18
N VAL B 191 39.18 -41.61 -19.68
CA VAL B 191 39.90 -42.68 -20.37
C VAL B 191 40.70 -43.53 -19.38
N PRO B 192 41.43 -44.55 -19.86
CA PRO B 192 42.18 -45.36 -18.89
C PRO B 192 43.40 -44.58 -18.44
N SER B 193 43.63 -44.52 -17.14
CA SER B 193 44.81 -43.82 -16.64
C SER B 193 46.04 -44.63 -17.03
N SER B 194 45.80 -45.78 -17.67
CA SER B 194 46.86 -46.70 -18.10
C SER B 194 47.49 -46.40 -19.47
N SER B 195 46.67 -46.36 -20.52
CA SER B 195 47.15 -46.07 -21.88
C SER B 195 47.34 -44.57 -22.08
N LEU B 196 47.43 -43.86 -20.96
CA LEU B 196 47.63 -42.43 -20.93
C LEU B 196 49.10 -42.11 -21.19
N GLY B 197 49.38 -40.91 -21.68
CA GLY B 197 50.75 -40.56 -21.98
C GLY B 197 51.20 -41.29 -23.23
N THR B 198 50.53 -42.40 -23.51
CA THR B 198 50.80 -43.22 -24.69
C THR B 198 49.53 -43.30 -25.57
N GLN B 199 49.16 -42.15 -26.10
CA GLN B 199 48.00 -41.97 -26.96
C GLN B 199 47.71 -40.48 -26.96
N THR B 200 47.56 -39.90 -28.14
CA THR B 200 47.30 -38.48 -28.24
C THR B 200 45.81 -38.16 -28.13
N TYR B 201 45.46 -37.43 -27.09
CA TYR B 201 44.09 -37.02 -26.82
C TYR B 201 43.97 -35.56 -27.19
N ILE B 202 42.95 -35.23 -27.96
CA ILE B 202 42.73 -33.86 -28.40
C ILE B 202 41.28 -33.58 -28.78
N CYS B 203 40.93 -32.30 -28.87
CA CYS B 203 39.58 -31.88 -29.23
C CYS B 203 39.47 -31.23 -30.60
N ASN B 204 38.40 -31.52 -31.33
CA ASN B 204 38.21 -30.95 -32.67
C ASN B 204 37.18 -29.83 -32.61
N VAL B 205 37.45 -28.84 -31.76
CA VAL B 205 36.57 -27.70 -31.57
C VAL B 205 36.24 -27.00 -32.89
N ASN B 206 35.16 -26.22 -32.89
CA ASN B 206 34.74 -25.50 -34.08
C ASN B 206 33.71 -24.41 -33.73
N HIS B 207 34.02 -23.18 -34.13
CA HIS B 207 33.16 -22.01 -33.92
C HIS B 207 32.81 -21.55 -35.32
N LYS B 208 31.53 -21.70 -35.70
CA LYS B 208 31.07 -21.36 -37.05
C LYS B 208 31.22 -19.92 -37.52
N PRO B 209 30.51 -18.95 -36.91
CA PRO B 209 30.62 -17.57 -37.36
C PRO B 209 32.04 -17.10 -37.64
N SER B 210 32.82 -16.87 -36.60
CA SER B 210 34.19 -16.41 -36.78
C SER B 210 35.04 -17.36 -37.63
N ASN B 211 34.39 -18.34 -38.28
CA ASN B 211 35.08 -19.33 -39.11
C ASN B 211 36.41 -19.74 -38.49
N THR B 212 36.34 -20.48 -37.38
CA THR B 212 37.55 -20.92 -36.70
C THR B 212 37.45 -22.37 -36.21
N LYS B 213 38.57 -23.08 -36.31
CA LYS B 213 38.67 -24.47 -35.85
C LYS B 213 39.94 -24.55 -35.04
N VAL B 214 40.06 -25.57 -34.19
CA VAL B 214 41.24 -25.75 -33.35
C VAL B 214 41.43 -27.21 -32.94
N ASP B 215 42.68 -27.64 -32.86
CA ASP B 215 43.01 -28.99 -32.46
C ASP B 215 44.08 -28.91 -31.36
N LYS B 216 43.72 -28.28 -30.24
CA LYS B 216 44.65 -28.13 -29.12
C LYS B 216 44.90 -29.48 -28.45
N LYS B 217 46.18 -29.77 -28.22
CA LYS B 217 46.58 -31.03 -27.60
C LYS B 217 46.76 -30.95 -26.09
N VAL B 218 46.06 -31.84 -25.39
CA VAL B 218 46.10 -31.90 -23.93
C VAL B 218 46.86 -33.15 -23.47
N GLU B 219 48.02 -32.91 -22.86
CA GLU B 219 48.89 -33.98 -22.38
C GLU B 219 49.06 -33.86 -20.85
N PRO B 220 49.48 -34.94 -20.18
CA PRO B 220 49.68 -34.93 -18.72
C PRO B 220 50.52 -33.72 -18.26
N LYS B 221 50.12 -33.15 -17.13
CA LYS B 221 50.80 -31.98 -16.58
C LYS B 221 52.08 -32.37 -15.85
N SER B 222 53.22 -32.06 -16.45
CA SER B 222 54.51 -32.37 -15.87
C SER B 222 55.00 -31.13 -15.12
N CYS B 223 56.29 -31.09 -14.80
CA CYS B 223 56.87 -29.96 -14.09
C CYS B 223 56.52 -28.66 -14.83
N ASP B 224 56.64 -27.54 -14.14
CA ASP B 224 56.30 -26.24 -14.71
C ASP B 224 57.41 -25.69 -15.61
N VAL C 3 -4.62 17.47 8.46
CA VAL C 3 -4.19 18.24 7.25
C VAL C 3 -5.33 18.10 6.23
N LEU C 4 -5.11 18.52 4.97
CA LEU C 4 -6.12 18.45 3.91
C LEU C 4 -7.25 19.49 4.07
N THR C 5 -6.97 20.74 3.68
CA THR C 5 -7.96 21.80 3.83
C THR C 5 -8.81 22.15 2.62
N GLN C 6 -10.12 22.14 2.84
CA GLN C 6 -11.10 22.53 1.83
C GLN C 6 -11.63 23.77 2.53
N PRO C 7 -12.22 24.71 1.80
CA PRO C 7 -12.75 25.87 2.52
C PRO C 7 -14.04 25.45 3.26
N PRO C 8 -14.49 26.23 4.27
CA PRO C 8 -15.71 25.83 4.97
C PRO C 8 -16.90 26.08 4.07
N SER C 9 -16.72 27.02 3.13
CA SER C 9 -17.81 27.48 2.30
C SER C 9 -17.58 27.11 0.84
N VAL C 10 -18.67 26.98 0.08
CA VAL C 10 -18.85 27.76 -1.13
C VAL C 10 -20.33 27.98 -1.43
N SER C 11 -20.61 28.92 -2.35
CA SER C 11 -21.98 29.24 -2.71
C SER C 11 -22.06 29.78 -4.13
N ALA C 12 -23.24 29.63 -4.75
CA ALA C 12 -23.49 30.09 -6.13
C ALA C 12 -24.97 30.03 -6.47
N ALA C 13 -25.33 30.53 -7.66
CA ALA C 13 -26.74 30.56 -8.10
C ALA C 13 -27.35 29.27 -8.62
N PRO C 14 -28.68 29.15 -8.50
CA PRO C 14 -29.51 28.01 -8.90
C PRO C 14 -29.32 27.46 -10.32
N GLY C 15 -28.07 27.38 -10.77
CA GLY C 15 -27.80 26.87 -12.09
C GLY C 15 -26.42 27.25 -12.59
N GLN C 16 -25.62 27.85 -11.74
CA GLN C 16 -24.29 28.22 -12.16
C GLN C 16 -23.24 27.21 -11.76
N LYS C 17 -22.00 27.59 -11.96
CA LYS C 17 -20.90 26.71 -11.65
C LYS C 17 -20.30 27.09 -10.29
N VAL C 18 -19.40 26.24 -9.81
CA VAL C 18 -18.71 26.43 -8.53
C VAL C 18 -17.61 25.39 -8.47
N THR C 19 -16.68 25.56 -7.54
CA THR C 19 -15.60 24.59 -7.42
C THR C 19 -14.98 24.65 -6.03
N ILE C 20 -14.86 23.49 -5.40
CA ILE C 20 -14.30 23.37 -4.07
C ILE C 20 -12.88 22.82 -4.14
N SER C 21 -11.97 23.38 -3.34
CA SER C 21 -10.60 22.90 -3.38
C SER C 21 -10.25 21.91 -2.28
N CYS C 22 -9.08 21.28 -2.41
CA CYS C 22 -8.54 20.29 -1.48
C CYS C 22 -7.04 20.37 -1.51
N SER C 23 -6.41 20.60 -0.36
CA SER C 23 -4.96 20.70 -0.34
C SER C 23 -4.37 20.02 0.88
N GLY C 24 -3.31 19.20 0.68
CA GLY C 24 -2.68 18.48 1.78
C GLY C 24 -1.16 18.46 1.82
N SER C 25 -0.53 17.59 1.03
CA SER C 25 0.93 17.49 1.00
C SER C 25 1.40 16.31 0.16
N THR C 26 2.71 16.24 -0.10
CA THR C 26 3.28 15.16 -0.93
C THR C 26 3.11 13.79 -0.28
N SER C 27 2.92 13.81 1.03
CA SER C 27 2.74 12.60 1.81
C SER C 27 1.39 11.96 1.44
N ASN C 28 0.46 12.80 0.98
CA ASN C 28 -0.88 12.36 0.55
C ASN C 28 -1.20 12.81 -0.89
N ILE C 29 -2.40 13.33 -1.12
CA ILE C 29 -2.85 13.78 -2.47
C ILE C 29 -1.83 13.80 -3.62
N GLY C 30 -0.63 14.30 -3.36
CA GLY C 30 0.38 14.37 -4.38
C GLY C 30 0.73 13.05 -5.04
N ASN C 31 0.70 11.96 -4.27
CA ASN C 31 1.03 10.65 -4.81
C ASN C 31 -0.15 9.71 -4.90
N ASN C 32 -1.02 9.77 -3.90
CA ASN C 32 -2.18 8.90 -3.82
C ASN C 32 -3.49 9.39 -4.43
N TYR C 33 -4.25 8.46 -5.00
CA TYR C 33 -5.53 8.82 -5.61
C TYR C 33 -6.49 9.49 -4.61
N VAL C 34 -7.25 10.45 -5.13
CA VAL C 34 -8.20 11.20 -4.34
C VAL C 34 -9.63 10.91 -4.77
N SER C 35 -10.54 10.95 -3.81
CA SER C 35 -11.95 10.70 -4.07
C SER C 35 -12.73 11.81 -3.38
N TRP C 36 -14.03 11.97 -3.71
CA TRP C 36 -14.86 13.01 -3.09
C TRP C 36 -16.21 12.44 -2.69
N TYR C 37 -16.74 12.86 -1.54
CA TYR C 37 -18.05 12.38 -1.05
C TYR C 37 -19.11 13.46 -0.75
N GLN C 38 -20.37 13.18 -1.07
CA GLN C 38 -21.45 14.15 -0.86
C GLN C 38 -22.38 13.71 0.26
N GLN C 39 -22.32 14.40 1.39
CA GLN C 39 -23.18 14.02 2.48
C GLN C 39 -24.26 15.05 2.77
N HIS C 40 -25.48 14.72 2.37
CA HIS C 40 -26.59 15.61 2.63
C HIS C 40 -26.74 15.67 4.14
N PRO C 41 -27.59 16.56 4.65
CA PRO C 41 -27.79 16.69 6.10
C PRO C 41 -27.74 15.42 6.97
N GLY C 42 -28.75 14.55 6.86
CA GLY C 42 -28.80 13.37 7.72
C GLY C 42 -28.60 11.99 7.16
N LYS C 43 -28.63 11.88 5.84
CA LYS C 43 -28.42 10.59 5.23
C LYS C 43 -26.91 10.32 5.30
N ALA C 44 -26.51 9.18 4.74
CA ALA C 44 -25.14 8.78 4.71
C ALA C 44 -24.47 9.46 3.52
N PRO C 45 -23.15 9.28 3.35
CA PRO C 45 -22.38 9.86 2.25
C PRO C 45 -22.52 9.06 0.97
N LYS C 46 -22.22 9.68 -0.16
CA LYS C 46 -22.35 9.01 -1.45
C LYS C 46 -21.17 9.29 -2.37
N LEU C 47 -20.45 8.23 -2.71
CA LEU C 47 -19.29 8.37 -3.58
C LEU C 47 -19.64 9.21 -4.80
N MET C 48 -19.09 10.42 -4.86
CA MET C 48 -19.34 11.29 -6.00
C MET C 48 -18.29 11.11 -7.06
N ILE C 49 -17.04 11.43 -6.75
CA ILE C 49 -15.96 11.28 -7.72
C ILE C 49 -14.83 10.44 -7.11
N TYR C 50 -14.21 9.54 -7.87
CA TYR C 50 -13.11 8.72 -7.32
C TYR C 50 -11.86 8.66 -8.19
N ASP C 51 -10.76 8.16 -7.65
CA ASP C 51 -9.51 8.15 -8.44
C ASP C 51 -9.38 9.50 -9.19
N VAL C 52 -9.36 10.62 -8.49
CA VAL C 52 -9.33 11.90 -9.15
C VAL C 52 -10.62 11.96 -9.98
N SER C 53 -10.60 12.39 -11.22
CA SER C 53 -11.79 12.40 -12.06
C SER C 53 -12.54 11.09 -12.39
N LYS C 54 -13.20 10.34 -11.50
CA LYS C 54 -14.05 9.22 -12.04
C LYS C 54 -15.36 9.26 -11.30
N ARG C 55 -16.42 8.94 -12.03
CA ARG C 55 -17.80 8.93 -11.53
C ARG C 55 -18.40 7.53 -11.61
N PRO C 56 -19.23 7.14 -10.65
CA PRO C 56 -19.86 5.82 -10.68
C PRO C 56 -21.09 5.99 -11.56
N SER C 57 -21.28 5.17 -12.60
CA SER C 57 -22.47 5.39 -13.44
C SER C 57 -23.53 5.62 -12.37
N GLY C 58 -24.03 6.85 -12.30
CA GLY C 58 -25.02 7.21 -11.29
C GLY C 58 -24.77 8.65 -10.89
N VAL C 59 -23.66 9.16 -11.40
CA VAL C 59 -23.25 10.52 -11.14
C VAL C 59 -23.18 11.33 -12.41
N PRO C 60 -23.92 12.44 -12.46
CA PRO C 60 -23.94 13.33 -13.62
C PRO C 60 -22.54 13.68 -14.11
N ASP C 61 -22.44 14.25 -15.31
CA ASP C 61 -21.15 14.62 -15.87
C ASP C 61 -20.68 15.99 -15.40
N ARG C 62 -21.61 16.77 -14.83
CA ARG C 62 -21.28 18.10 -14.34
C ARG C 62 -20.34 18.04 -13.13
N PHE C 63 -20.40 16.94 -12.37
CA PHE C 63 -19.54 16.75 -11.20
C PHE C 63 -18.21 16.25 -11.75
N SER C 64 -17.23 17.14 -11.79
CA SER C 64 -15.92 16.80 -12.33
C SER C 64 -14.88 16.95 -11.24
N GLY C 65 -13.62 16.69 -11.55
CA GLY C 65 -12.56 16.83 -10.54
C GLY C 65 -11.15 16.61 -11.03
N SER C 66 -10.26 17.55 -10.71
CA SER C 66 -8.87 17.49 -11.16
C SER C 66 -7.86 17.43 -10.03
N LYS C 67 -6.59 17.43 -10.41
CA LYS C 67 -5.50 17.39 -9.43
C LYS C 67 -4.28 18.14 -9.94
N SER C 68 -3.90 19.18 -9.21
CA SER C 68 -2.75 20.00 -9.60
C SER C 68 -1.75 20.06 -8.43
N GLY C 69 -0.67 19.29 -8.54
CA GLY C 69 0.32 19.28 -7.48
C GLY C 69 -0.10 18.49 -6.25
N ASN C 70 -0.17 19.17 -5.11
CA ASN C 70 -0.58 18.49 -3.90
C ASN C 70 -1.91 19.03 -3.46
N SER C 71 -2.82 19.17 -4.42
CA SER C 71 -4.13 19.70 -4.12
C SER C 71 -5.10 19.25 -5.20
N ALA C 72 -6.29 18.83 -4.78
CA ALA C 72 -7.29 18.39 -5.75
C ALA C 72 -8.48 19.31 -5.68
N SER C 73 -9.22 19.42 -6.79
CA SER C 73 -10.38 20.30 -6.83
C SER C 73 -11.61 19.65 -7.47
N LEU C 74 -12.77 19.85 -6.86
CA LEU C 74 -14.01 19.28 -7.38
C LEU C 74 -14.90 20.36 -8.01
N ASP C 75 -14.97 20.42 -9.34
CA ASP C 75 -15.79 21.43 -10.04
C ASP C 75 -17.23 20.97 -10.21
N ILE C 76 -18.14 21.92 -10.30
CA ILE C 76 -19.53 21.60 -10.49
C ILE C 76 -20.22 22.71 -11.27
N SER C 77 -21.08 22.34 -12.20
CA SER C 77 -21.76 23.34 -13.01
C SER C 77 -23.26 23.09 -12.97
N GLY C 78 -24.04 24.10 -13.32
CA GLY C 78 -25.48 23.94 -13.29
C GLY C 78 -26.00 23.46 -11.94
N LEU C 79 -25.65 24.15 -10.86
CA LEU C 79 -26.09 23.77 -9.52
C LEU C 79 -27.61 23.63 -9.41
N GLN C 80 -28.06 22.69 -8.56
CA GLN C 80 -29.48 22.43 -8.31
C GLN C 80 -29.68 22.22 -6.83
N SER C 81 -30.81 22.68 -6.29
CA SER C 81 -31.09 22.53 -4.87
C SER C 81 -30.57 21.19 -4.44
N GLU C 82 -30.75 20.20 -5.32
CA GLU C 82 -30.30 18.84 -5.08
C GLU C 82 -28.90 18.93 -4.54
N ASP C 83 -28.03 19.57 -5.33
CA ASP C 83 -26.62 19.72 -4.98
C ASP C 83 -26.36 20.13 -3.53
N GLU C 84 -26.98 21.22 -3.09
CA GLU C 84 -26.79 21.72 -1.74
C GLU C 84 -26.70 20.65 -0.67
N ALA C 85 -25.47 20.36 -0.29
CA ALA C 85 -25.18 19.36 0.74
C ALA C 85 -23.72 19.61 1.10
N ASP C 86 -23.16 18.81 1.99
CA ASP C 86 -21.78 18.98 2.43
C ASP C 86 -20.86 17.99 1.71
N TYR C 87 -19.63 18.37 1.47
CA TYR C 87 -18.73 17.47 0.78
C TYR C 87 -17.43 17.24 1.51
N TYR C 88 -16.69 16.24 1.04
CA TYR C 88 -15.43 15.88 1.67
C TYR C 88 -14.45 15.26 0.66
N CYS C 89 -13.25 15.83 0.61
CA CYS C 89 -12.21 15.32 -0.29
C CYS C 89 -11.31 14.44 0.54
N ALA C 90 -11.25 13.15 0.22
CA ALA C 90 -10.43 12.21 0.97
C ALA C 90 -9.34 11.52 0.15
N ALA C 91 -8.26 11.14 0.84
CA ALA C 91 -7.10 10.49 0.21
C ALA C 91 -6.29 9.69 1.23
N TRP C 92 -5.46 8.79 0.73
CA TRP C 92 -4.63 7.94 1.57
C TRP C 92 -3.26 8.52 1.85
N ASP C 93 -2.85 8.67 3.11
CA ASP C 93 -1.53 9.23 3.39
C ASP C 93 -0.41 8.24 3.68
N ASP C 94 0.46 8.09 2.68
CA ASP C 94 1.61 7.19 2.71
C ASP C 94 2.51 7.23 3.92
N SER C 95 2.53 8.34 4.65
CA SER C 95 3.42 8.47 5.82
C SER C 95 2.82 8.05 7.16
N LEU C 96 1.53 8.27 7.33
CA LEU C 96 0.85 7.95 8.57
C LEU C 96 0.18 6.58 8.46
N SER C 97 0.22 6.03 7.25
CA SER C 97 -0.39 4.75 7.00
C SER C 97 -1.75 4.78 7.66
N GLU C 98 -2.69 5.43 6.98
CA GLU C 98 -4.07 5.58 7.43
C GLU C 98 -4.76 6.55 6.48
N PHE C 99 -6.05 6.36 6.25
CA PHE C 99 -6.82 7.21 5.34
C PHE C 99 -7.00 8.60 5.95
N LEU C 100 -7.23 9.58 5.09
CA LEU C 100 -7.41 10.99 5.50
C LEU C 100 -8.67 11.62 4.93
N PHE C 101 -9.39 12.39 5.73
CA PHE C 101 -10.56 13.04 5.19
C PHE C 101 -10.35 14.54 5.11
N GLY C 102 -11.33 15.23 4.54
CA GLY C 102 -11.21 16.66 4.38
C GLY C 102 -11.93 17.47 5.43
N THR C 103 -11.45 18.71 5.57
CA THR C 103 -12.00 19.68 6.51
C THR C 103 -13.47 19.92 6.20
N GLY C 104 -13.89 19.45 5.03
CA GLY C 104 -15.26 19.60 4.61
C GLY C 104 -15.65 20.98 4.08
N THR C 105 -16.60 20.98 3.15
CA THR C 105 -17.11 22.19 2.54
C THR C 105 -18.63 22.13 2.40
N LYS C 106 -19.30 23.23 2.67
CA LYS C 106 -20.73 23.25 2.51
C LYS C 106 -21.05 24.10 1.32
N LEU C 107 -21.59 23.45 0.28
CA LEU C 107 -21.99 24.10 -0.96
C LEU C 107 -23.45 24.43 -0.82
N THR C 108 -23.72 25.70 -0.60
CA THR C 108 -25.08 26.18 -0.44
C THR C 108 -25.48 26.85 -1.76
N VAL C 109 -26.61 26.42 -2.32
CA VAL C 109 -27.10 26.97 -3.58
C VAL C 109 -28.08 28.12 -3.29
N LEU C 110 -27.56 29.33 -3.42
CA LEU C 110 -28.29 30.58 -3.17
C LEU C 110 -29.80 30.61 -3.43
N GLY C 111 -30.55 30.78 -2.35
CA GLY C 111 -31.99 30.87 -2.42
C GLY C 111 -32.40 32.25 -1.94
N GLN C 112 -31.54 32.87 -1.14
CA GLN C 112 -31.78 34.20 -0.61
C GLN C 112 -30.46 34.99 -0.49
N PRO C 113 -30.51 36.33 -0.59
CA PRO C 113 -29.38 37.27 -0.51
C PRO C 113 -28.47 37.05 0.68
N LYS C 114 -27.16 37.07 0.45
CA LYS C 114 -26.21 36.85 1.54
C LYS C 114 -26.46 37.85 2.64
N ALA C 115 -25.77 37.64 3.76
CA ALA C 115 -25.88 38.52 4.92
C ALA C 115 -24.77 38.15 5.87
N ALA C 116 -24.27 39.14 6.60
CA ALA C 116 -23.19 38.91 7.55
C ALA C 116 -23.72 38.50 8.91
N PRO C 117 -22.95 37.66 9.64
CA PRO C 117 -23.33 37.16 10.96
C PRO C 117 -23.35 38.26 12.02
N SER C 118 -24.35 38.20 12.89
CA SER C 118 -24.53 39.18 13.96
C SER C 118 -24.03 38.67 15.31
N VAL C 119 -22.75 38.89 15.58
CA VAL C 119 -22.11 38.48 16.82
C VAL C 119 -22.65 39.29 17.98
N THR C 120 -22.52 38.74 19.18
CA THR C 120 -23.05 39.41 20.38
C THR C 120 -22.52 38.69 21.63
N LEU C 121 -21.22 38.78 21.83
CA LEU C 121 -20.53 38.12 22.95
C LEU C 121 -20.94 38.50 24.38
N PHE C 122 -21.62 37.60 25.08
CA PHE C 122 -22.02 37.84 26.47
C PHE C 122 -20.94 37.40 27.46
N PRO C 123 -20.61 38.24 28.45
CA PRO C 123 -19.58 37.95 29.47
C PRO C 123 -20.20 37.15 30.63
N PRO C 124 -19.37 36.40 31.39
CA PRO C 124 -19.89 35.61 32.53
C PRO C 124 -20.96 36.32 33.36
N SER C 125 -21.96 35.56 33.79
CA SER C 125 -23.02 36.12 34.62
C SER C 125 -22.44 36.27 36.02
N SER C 126 -22.82 37.32 36.73
CA SER C 126 -22.30 37.53 38.08
C SER C 126 -22.52 36.29 38.96
N GLU C 127 -23.67 35.66 38.81
CA GLU C 127 -23.98 34.48 39.57
C GLU C 127 -22.95 33.38 39.31
N GLU C 128 -23.17 32.62 38.24
CA GLU C 128 -22.27 31.53 37.83
C GLU C 128 -20.83 31.71 38.34
N LEU C 129 -20.30 32.91 38.16
CA LEU C 129 -18.94 33.17 38.61
C LEU C 129 -18.88 32.66 40.04
N GLN C 130 -19.82 33.07 40.86
CA GLN C 130 -19.84 32.63 42.23
C GLN C 130 -19.89 31.09 42.27
N ALA C 131 -20.64 30.51 41.34
CA ALA C 131 -20.76 29.07 41.25
C ALA C 131 -19.44 28.45 40.78
N ASN C 132 -18.36 29.11 41.11
CA ASN C 132 -17.03 28.67 40.73
C ASN C 132 -17.04 28.09 39.33
N LYS C 133 -17.34 28.95 38.36
CA LYS C 133 -17.39 28.58 36.95
C LYS C 133 -17.46 29.85 36.09
N ALA C 134 -16.95 29.76 34.86
CA ALA C 134 -16.94 30.89 33.93
C ALA C 134 -17.40 30.46 32.54
N THR C 135 -18.61 30.85 32.18
CA THR C 135 -19.16 30.49 30.87
C THR C 135 -19.40 31.70 29.95
N LEU C 136 -18.56 31.79 28.92
CA LEU C 136 -18.60 32.84 27.93
C LEU C 136 -19.50 32.46 26.75
N VAL C 137 -20.46 33.32 26.44
CA VAL C 137 -21.37 33.05 25.36
C VAL C 137 -21.16 33.99 24.18
N CYS C 138 -20.97 33.40 22.99
CA CYS C 138 -20.81 34.16 21.77
C CYS C 138 -22.06 33.94 20.93
N LEU C 139 -22.95 34.92 20.89
CA LEU C 139 -24.15 34.78 20.10
C LEU C 139 -23.93 35.16 18.64
N ILE C 140 -24.29 34.23 17.77
CA ILE C 140 -24.13 34.37 16.34
C ILE C 140 -25.49 34.26 15.66
N SER C 141 -25.76 35.14 14.71
CA SER C 141 -27.08 35.12 14.08
C SER C 141 -27.26 35.79 12.72
N ASP C 142 -28.44 35.54 12.13
CA ASP C 142 -28.86 36.09 10.85
C ASP C 142 -27.89 36.07 9.67
N PHE C 143 -27.42 34.89 9.28
CA PHE C 143 -26.52 34.79 8.13
C PHE C 143 -27.08 33.83 7.10
N TYR C 144 -27.09 34.23 5.83
CA TYR C 144 -27.65 33.36 4.82
C TYR C 144 -26.78 32.15 4.54
N PRO C 145 -25.55 32.35 4.03
CA PRO C 145 -24.87 31.06 3.85
C PRO C 145 -24.55 30.52 5.26
N GLY C 146 -25.37 29.59 5.71
CA GLY C 146 -25.19 29.01 7.04
C GLY C 146 -23.90 28.26 7.19
N ALA C 147 -22.82 29.02 7.28
CA ALA C 147 -21.52 28.41 7.43
C ALA C 147 -20.61 29.50 7.94
N VAL C 148 -19.90 29.21 9.02
CA VAL C 148 -18.98 30.17 9.59
C VAL C 148 -17.88 29.40 10.24
N THR C 149 -17.01 30.14 10.91
CA THR C 149 -15.91 29.52 11.59
C THR C 149 -15.76 30.18 12.95
N VAL C 150 -15.65 29.38 14.00
CA VAL C 150 -15.52 29.90 15.36
C VAL C 150 -14.31 29.39 16.10
N ALA C 151 -13.67 30.29 16.85
CA ALA C 151 -12.50 29.97 17.66
C ALA C 151 -12.24 31.20 18.53
N TRP C 152 -11.73 31.00 19.74
CA TRP C 152 -11.48 32.10 20.68
C TRP C 152 -10.03 32.48 20.94
N LYS C 153 -9.85 33.58 21.65
CA LYS C 153 -8.52 34.04 21.95
C LYS C 153 -8.45 34.68 23.32
N ALA C 154 -7.68 34.06 24.19
CA ALA C 154 -7.48 34.59 25.51
C ALA C 154 -6.33 35.56 25.30
N ASP C 155 -6.67 36.85 25.32
CA ASP C 155 -5.69 37.90 25.11
C ASP C 155 -5.08 37.72 23.73
N SER C 156 -3.79 38.04 23.64
CA SER C 156 -3.07 37.91 22.39
C SER C 156 -3.28 36.52 21.79
N SER C 157 -2.73 35.51 22.46
CA SER C 157 -2.79 34.13 22.00
C SER C 157 -4.20 33.53 22.00
N PRO C 158 -4.41 32.50 21.15
CA PRO C 158 -5.66 31.76 20.96
C PRO C 158 -5.49 30.37 21.56
N VAL C 159 -6.59 29.65 21.71
CA VAL C 159 -6.54 28.32 22.27
C VAL C 159 -7.90 27.67 22.09
N LYS C 160 -7.94 26.35 22.15
CA LYS C 160 -9.21 25.66 21.99
C LYS C 160 -9.53 24.87 23.26
N ALA C 161 -8.53 24.74 24.13
CA ALA C 161 -8.69 24.02 25.39
C ALA C 161 -9.90 24.49 26.21
N GLY C 162 -11.09 23.95 25.92
CA GLY C 162 -12.28 24.33 26.65
C GLY C 162 -13.37 25.03 25.85
N VAL C 163 -13.43 24.69 24.56
CA VAL C 163 -14.39 25.30 23.65
C VAL C 163 -15.35 24.27 23.02
N GLU C 164 -16.58 24.72 22.73
CA GLU C 164 -17.59 23.89 22.09
C GLU C 164 -18.64 24.70 21.32
N THR C 165 -18.54 24.60 20.00
CA THR C 165 -19.40 25.33 19.06
C THR C 165 -20.44 24.44 18.37
N THR C 166 -21.69 24.93 18.30
CA THR C 166 -22.79 24.20 17.66
C THR C 166 -22.61 24.29 16.16
N THR C 167 -23.61 23.79 15.45
CA THR C 167 -23.60 23.85 14.00
C THR C 167 -24.68 24.86 13.69
N PRO C 168 -24.64 25.45 12.49
CA PRO C 168 -25.69 26.42 12.20
C PRO C 168 -27.07 25.73 12.30
N SER C 169 -28.14 26.46 12.01
CA SER C 169 -29.52 25.94 12.04
C SER C 169 -30.49 27.03 11.64
N LYS C 170 -31.27 26.80 10.58
CA LYS C 170 -32.23 27.78 10.09
C LYS C 170 -33.17 28.32 11.17
N GLN C 171 -33.54 29.59 11.06
CA GLN C 171 -34.44 30.21 12.02
C GLN C 171 -35.63 30.90 11.32
N SER C 172 -36.72 31.08 12.06
CA SER C 172 -37.96 31.71 11.59
C SER C 172 -37.74 32.63 10.42
N ASN C 173 -36.81 33.56 10.56
CA ASN C 173 -36.58 34.51 9.49
C ASN C 173 -35.76 34.00 8.32
N ASN C 174 -35.71 32.68 8.11
CA ASN C 174 -34.98 32.10 6.97
C ASN C 174 -33.45 32.06 7.05
N LYS C 175 -32.84 32.71 8.04
CA LYS C 175 -31.39 32.69 8.14
C LYS C 175 -30.93 31.63 9.13
N TYR C 176 -29.63 31.36 9.15
CA TYR C 176 -29.10 30.38 10.08
C TYR C 176 -28.64 31.13 11.32
N ALA C 177 -28.25 30.40 12.37
CA ALA C 177 -27.79 31.03 13.62
C ALA C 177 -27.26 30.00 14.60
N ALA C 178 -26.01 30.15 15.04
CA ALA C 178 -25.44 29.17 15.97
C ALA C 178 -24.70 29.81 17.12
N SER C 179 -24.36 28.99 18.12
CA SER C 179 -23.67 29.48 19.31
C SER C 179 -22.35 28.78 19.68
N SER C 180 -21.43 29.54 20.27
CA SER C 180 -20.15 28.98 20.70
C SER C 180 -20.14 29.05 22.21
N TYR C 181 -19.18 28.38 22.81
CA TYR C 181 -19.08 28.43 24.25
C TYR C 181 -17.65 28.28 24.69
N LEU C 182 -17.27 29.14 25.62
CA LEU C 182 -15.93 29.13 26.19
C LEU C 182 -16.03 29.02 27.71
N SER C 183 -16.04 27.79 28.21
CA SER C 183 -16.13 27.55 29.65
C SER C 183 -14.73 27.68 30.26
N LEU C 184 -14.65 28.34 31.41
CA LEU C 184 -13.37 28.56 32.09
C LEU C 184 -13.42 28.29 33.58
N THR C 185 -12.38 28.73 34.28
CA THR C 185 -12.29 28.61 35.74
C THR C 185 -12.37 30.07 36.09
N PRO C 186 -13.17 30.42 37.09
CA PRO C 186 -13.28 31.83 37.46
C PRO C 186 -11.94 32.55 37.57
N GLU C 187 -10.88 31.83 37.93
CA GLU C 187 -9.57 32.44 38.07
C GLU C 187 -8.95 32.63 36.70
N GLN C 188 -9.23 31.70 35.78
CA GLN C 188 -8.71 31.83 34.44
C GLN C 188 -9.39 33.06 33.85
N TRP C 189 -10.60 33.32 34.34
CA TRP C 189 -11.36 34.48 33.89
C TRP C 189 -10.69 35.73 34.41
N LYS C 190 -10.17 35.64 35.63
CA LYS C 190 -9.49 36.75 36.27
C LYS C 190 -8.18 37.10 35.55
N SER C 191 -7.18 36.24 35.71
CA SER C 191 -5.85 36.42 35.12
C SER C 191 -5.83 37.08 33.74
N HIS C 192 -6.06 36.30 32.67
CA HIS C 192 -6.05 36.84 31.31
C HIS C 192 -6.90 38.11 31.14
N LYS C 193 -6.21 39.22 30.89
CA LYS C 193 -6.82 40.55 30.76
C LYS C 193 -7.71 40.78 29.53
N SER C 194 -7.98 39.74 28.73
CA SER C 194 -8.82 39.89 27.54
C SER C 194 -9.25 38.59 26.86
N TYR C 195 -10.51 38.52 26.45
CA TYR C 195 -11.05 37.34 25.79
C TYR C 195 -11.91 37.77 24.61
N SER C 196 -11.68 37.17 23.46
CA SER C 196 -12.43 37.49 22.23
C SER C 196 -12.97 36.28 21.47
N CYS C 197 -14.10 36.49 20.79
CA CYS C 197 -14.78 35.46 20.00
C CYS C 197 -14.60 35.80 18.52
N GLN C 198 -14.14 34.85 17.72
CA GLN C 198 -13.92 35.12 16.31
C GLN C 198 -14.85 34.36 15.39
N VAL C 199 -15.68 35.12 14.69
CA VAL C 199 -16.64 34.54 13.77
C VAL C 199 -16.29 34.83 12.31
N THR C 200 -15.30 34.10 11.79
CA THR C 200 -14.90 34.28 10.40
C THR C 200 -16.09 33.81 9.56
N HIS C 201 -16.34 34.47 8.43
CA HIS C 201 -17.44 34.09 7.57
C HIS C 201 -17.48 34.78 6.20
N GLU C 202 -17.19 34.01 5.15
CA GLU C 202 -17.16 34.50 3.77
C GLU C 202 -15.92 35.33 3.55
N GLY C 203 -14.81 34.93 4.15
CA GLY C 203 -13.57 35.68 3.98
C GLY C 203 -13.39 36.81 4.99
N SER C 204 -14.49 37.48 5.35
CA SER C 204 -14.50 38.58 6.32
C SER C 204 -14.76 38.05 7.71
N THR C 205 -13.86 38.32 8.64
CA THR C 205 -14.05 37.83 9.99
C THR C 205 -14.57 38.94 10.90
N VAL C 206 -14.91 38.58 12.13
CA VAL C 206 -15.42 39.52 13.12
C VAL C 206 -14.98 39.10 14.51
N GLU C 207 -14.01 39.81 15.09
CA GLU C 207 -13.51 39.45 16.41
C GLU C 207 -14.01 40.37 17.55
N LYS C 208 -15.05 39.92 18.26
CA LYS C 208 -15.63 40.66 19.37
C LYS C 208 -14.92 40.30 20.68
N THR C 209 -14.47 41.31 21.40
CA THR C 209 -13.76 41.07 22.64
C THR C 209 -14.44 41.72 23.84
N VAL C 210 -14.17 41.15 25.00
CA VAL C 210 -14.71 41.65 26.26
C VAL C 210 -13.70 41.21 27.31
N ALA C 211 -13.56 42.01 28.37
CA ALA C 211 -12.62 41.72 29.43
C ALA C 211 -13.29 41.63 30.79
N PRO C 212 -12.52 41.24 31.81
CA PRO C 212 -12.99 41.09 33.19
C PRO C 212 -13.79 42.28 33.77
N THR C 213 -13.23 43.48 33.66
CA THR C 213 -13.85 44.69 34.21
C THR C 213 -15.15 45.19 33.58
N GLY D 1 -29.99 -4.34 -4.59
CA GLY D 1 -28.82 -3.43 -4.48
C GLY D 1 -28.05 -3.69 -3.21
N VAL D 2 -26.92 -3.01 -3.06
CA VAL D 2 -26.10 -3.16 -1.87
C VAL D 2 -26.95 -2.84 -0.66
N GLN D 3 -26.51 -3.25 0.53
CA GLN D 3 -27.23 -2.95 1.77
C GLN D 3 -26.25 -3.11 2.93
N LEU D 4 -26.14 -2.09 3.76
CA LEU D 4 -25.24 -2.14 4.90
C LEU D 4 -25.98 -1.45 6.02
N VAL D 5 -26.26 -2.18 7.08
CA VAL D 5 -26.98 -1.58 8.17
C VAL D 5 -26.27 -1.75 9.51
N GLU D 6 -25.68 -0.65 9.98
CA GLU D 6 -24.95 -0.69 11.23
C GLU D 6 -25.90 -1.08 12.34
N SER D 7 -25.36 -1.29 13.54
CA SER D 7 -26.17 -1.65 14.69
C SER D 7 -25.35 -1.77 15.98
N GLY D 8 -26.02 -1.78 17.13
CA GLY D 8 -25.33 -1.94 18.41
C GLY D 8 -24.60 -0.77 19.06
N GLY D 9 -25.30 0.36 19.21
CA GLY D 9 -24.70 1.53 19.84
C GLY D 9 -25.69 2.24 20.75
N GLY D 10 -25.22 3.22 21.50
CA GLY D 10 -26.11 3.93 22.41
C GLY D 10 -25.35 4.71 23.46
N VAL D 11 -25.71 4.53 24.74
CA VAL D 11 -25.03 5.25 25.82
C VAL D 11 -24.12 4.33 26.64
N VAL D 12 -22.90 4.79 26.97
CA VAL D 12 -21.97 3.97 27.75
C VAL D 12 -20.94 4.70 28.62
N GLN D 13 -21.07 4.58 29.94
CA GLN D 13 -20.13 5.21 30.87
C GLN D 13 -18.71 4.88 30.40
N PRO D 14 -17.81 5.90 30.36
CA PRO D 14 -16.39 5.83 29.94
C PRO D 14 -15.60 4.63 30.41
N GLY D 15 -14.73 4.12 29.54
CA GLY D 15 -13.90 2.96 29.89
C GLY D 15 -14.37 1.59 29.38
N ARG D 16 -15.37 1.01 30.04
CA ARG D 16 -15.87 -0.30 29.63
C ARG D 16 -16.12 -0.23 28.15
N SER D 17 -16.15 -1.37 27.49
CA SER D 17 -16.32 -1.41 26.06
C SER D 17 -17.75 -1.54 25.50
N LEU D 18 -17.83 -1.70 24.17
CA LEU D 18 -19.07 -1.87 23.43
C LEU D 18 -18.76 -2.23 21.99
N ARG D 19 -19.48 -3.19 21.42
CA ARG D 19 -19.24 -3.62 20.04
C ARG D 19 -20.33 -3.27 19.02
N LEU D 20 -19.89 -2.64 17.93
CA LEU D 20 -20.80 -2.23 16.88
C LEU D 20 -20.94 -3.37 15.87
N SER D 21 -21.95 -3.29 14.99
CA SER D 21 -22.19 -4.36 14.04
C SER D 21 -22.80 -3.96 12.71
N CYS D 22 -22.07 -4.24 11.65
CA CYS D 22 -22.51 -3.94 10.30
C CYS D 22 -22.79 -5.24 9.56
N ALA D 23 -23.86 -5.25 8.77
CA ALA D 23 -24.25 -6.43 8.01
C ALA D 23 -24.50 -6.12 6.54
N ALA D 24 -23.72 -6.75 5.67
CA ALA D 24 -23.87 -6.55 4.24
C ALA D 24 -24.99 -7.45 3.72
N SER D 25 -25.61 -7.04 2.64
CA SER D 25 -26.70 -7.82 2.06
C SER D 25 -26.94 -7.20 0.71
N GLY D 26 -26.06 -7.49 -0.23
CA GLY D 26 -26.22 -6.92 -1.55
C GLY D 26 -25.04 -7.23 -2.44
N PHE D 27 -24.30 -8.26 -2.10
CA PHE D 27 -23.16 -8.69 -2.89
C PHE D 27 -22.38 -9.85 -2.27
N THR D 28 -21.14 -10.01 -2.71
CA THR D 28 -20.27 -11.05 -2.18
C THR D 28 -19.31 -10.48 -1.13
N PHE D 29 -19.89 -10.20 0.04
CA PHE D 29 -19.20 -9.65 1.20
C PHE D 29 -17.86 -10.34 1.44
N SER D 30 -17.88 -11.66 1.37
CA SER D 30 -16.71 -12.52 1.55
C SER D 30 -15.50 -12.06 0.76
N THR D 31 -15.74 -11.14 -0.19
CA THR D 31 -14.67 -10.66 -1.05
C THR D 31 -14.55 -9.15 -1.10
N TYR D 32 -14.95 -8.48 -0.03
CA TYR D 32 -14.90 -7.01 -0.03
C TYR D 32 -14.19 -6.36 1.16
N ALA D 33 -13.27 -5.46 0.86
CA ALA D 33 -12.55 -4.74 1.91
C ALA D 33 -13.57 -3.95 2.70
N MET D 34 -13.42 -3.90 4.02
CA MET D 34 -14.36 -3.16 4.87
C MET D 34 -13.79 -1.94 5.59
N HIS D 35 -14.66 -0.94 5.76
CA HIS D 35 -14.29 0.32 6.38
C HIS D 35 -15.10 0.80 7.58
N TRP D 36 -14.41 1.46 8.51
CA TRP D 36 -15.09 2.04 9.67
C TRP D 36 -14.79 3.53 9.65
N VAL D 37 -15.85 4.32 9.73
CA VAL D 37 -15.71 5.76 9.73
C VAL D 37 -16.66 6.22 10.80
N ARG D 38 -16.36 7.35 11.42
CA ARG D 38 -17.23 7.90 12.44
C ARG D 38 -17.33 9.39 12.16
N GLN D 39 -18.32 10.05 12.74
CA GLN D 39 -18.48 11.49 12.53
C GLN D 39 -19.05 12.05 13.82
N ALA D 40 -18.33 12.92 14.51
CA ALA D 40 -18.88 13.48 15.74
C ALA D 40 -20.00 14.42 15.34
N PRO D 41 -20.74 14.99 16.32
CA PRO D 41 -21.81 15.90 15.90
C PRO D 41 -21.13 17.17 15.41
N GLY D 42 -21.42 17.54 14.16
CA GLY D 42 -20.81 18.74 13.59
C GLY D 42 -19.46 18.51 12.94
N LYS D 43 -18.46 18.12 13.73
CA LYS D 43 -17.12 17.87 13.19
C LYS D 43 -17.23 16.96 11.96
N GLY D 44 -16.33 17.13 11.01
CA GLY D 44 -16.34 16.32 9.80
C GLY D 44 -16.25 14.82 10.03
N LEU D 45 -15.79 14.12 9.00
CA LEU D 45 -15.65 12.67 9.08
C LEU D 45 -14.23 12.37 9.48
N GLU D 46 -14.05 11.29 10.22
CA GLU D 46 -12.71 10.84 10.65
C GLU D 46 -12.58 9.36 10.31
N TRP D 47 -11.55 9.02 9.55
CA TRP D 47 -11.34 7.64 9.18
C TRP D 47 -10.85 6.87 10.40
N VAL D 48 -11.30 5.63 10.56
CA VAL D 48 -10.93 4.82 11.72
C VAL D 48 -10.01 3.63 11.49
N ALA D 49 -10.49 2.66 10.71
CA ALA D 49 -9.75 1.44 10.39
C ALA D 49 -10.24 0.74 9.13
N ILE D 50 -9.53 -0.29 8.75
CA ILE D 50 -9.88 -1.03 7.56
C ILE D 50 -9.43 -2.47 7.69
N ILE D 51 -10.24 -3.41 7.20
CA ILE D 51 -9.90 -4.82 7.27
C ILE D 51 -10.04 -5.48 5.90
N SER D 52 -9.15 -6.40 5.57
CA SER D 52 -9.20 -7.08 4.27
C SER D 52 -10.45 -7.93 4.12
N TYR D 53 -10.61 -8.60 2.98
CA TYR D 53 -11.80 -9.42 2.80
C TYR D 53 -11.79 -10.65 3.67
N ASP D 54 -10.61 -11.18 3.99
CA ASP D 54 -10.53 -12.38 4.85
C ASP D 54 -10.18 -12.11 6.31
N GLY D 55 -10.04 -10.83 6.64
CA GLY D 55 -9.76 -10.45 8.01
C GLY D 55 -8.35 -10.66 8.50
N SER D 56 -7.39 -10.63 7.60
CA SER D 56 -5.99 -10.81 7.98
C SER D 56 -5.38 -9.47 8.35
N LYS D 57 -4.98 -8.68 7.35
CA LYS D 57 -4.39 -7.40 7.69
C LYS D 57 -5.44 -6.33 7.89
N LYS D 58 -5.06 -5.32 8.66
CA LYS D 58 -5.95 -4.22 8.95
C LYS D 58 -5.10 -3.04 9.41
N TYR D 59 -5.54 -1.82 9.08
CA TYR D 59 -4.84 -0.58 9.46
C TYR D 59 -5.75 0.30 10.28
N TYR D 60 -5.25 0.73 11.44
CA TYR D 60 -6.01 1.59 12.35
C TYR D 60 -5.33 2.95 12.34
N ALA D 61 -6.06 3.99 12.76
CA ALA D 61 -5.49 5.34 12.81
C ALA D 61 -5.02 5.60 14.23
N ASP D 62 -3.79 6.10 14.39
CA ASP D 62 -3.23 6.37 15.72
C ASP D 62 -4.34 6.87 16.63
N SER D 63 -5.24 7.63 16.02
CA SER D 63 -6.40 8.17 16.71
C SER D 63 -7.13 7.12 17.59
N VAL D 64 -6.65 5.89 17.53
CA VAL D 64 -7.20 4.78 18.30
C VAL D 64 -6.17 3.67 18.45
N LYS D 65 -5.45 3.41 17.36
CA LYS D 65 -4.44 2.37 17.33
C LYS D 65 -4.27 1.64 18.64
N GLY D 66 -5.10 0.61 18.87
CA GLY D 66 -4.99 -0.15 20.10
C GLY D 66 -6.19 -0.07 21.04
N ARG D 67 -6.91 1.05 21.02
CA ARG D 67 -8.07 1.18 21.88
C ARG D 67 -9.20 0.36 21.23
N PHE D 68 -9.17 0.26 19.90
CA PHE D 68 -10.17 -0.46 19.12
C PHE D 68 -9.68 -1.75 18.49
N THR D 69 -10.63 -2.47 17.88
CA THR D 69 -10.35 -3.73 17.19
C THR D 69 -11.46 -4.00 16.13
N ILE D 70 -11.04 -4.27 14.90
CA ILE D 70 -11.97 -4.51 13.80
C ILE D 70 -11.94 -5.93 13.24
N SER D 71 -12.81 -6.79 13.77
CA SER D 71 -12.88 -8.16 13.31
C SER D 71 -14.13 -8.26 12.46
N ARG D 72 -14.19 -9.26 11.60
CA ARG D 72 -15.36 -9.48 10.76
C ARG D 72 -15.71 -10.95 10.81
N ASP D 73 -16.89 -11.32 10.31
CA ASP D 73 -17.29 -12.71 10.33
C ASP D 73 -18.05 -13.12 9.08
N ASN D 74 -17.33 -13.28 7.99
CA ASN D 74 -17.89 -13.63 6.69
C ASN D 74 -18.98 -14.71 6.66
N SER D 75 -18.95 -15.67 7.57
CA SER D 75 -19.97 -16.70 7.55
C SER D 75 -21.36 -16.08 7.70
N LYS D 76 -21.47 -15.07 8.55
CA LYS D 76 -22.75 -14.39 8.77
C LYS D 76 -22.72 -12.95 8.25
N ASN D 77 -22.02 -12.74 7.15
CA ASN D 77 -21.88 -11.43 6.50
C ASN D 77 -21.99 -10.27 7.48
N THR D 78 -21.34 -10.35 8.64
CA THR D 78 -21.42 -9.26 9.62
C THR D 78 -20.07 -8.64 9.96
N LEU D 79 -20.00 -7.29 9.93
CA LEU D 79 -18.77 -6.57 10.23
C LEU D 79 -18.78 -6.04 11.66
N TYR D 80 -17.65 -6.17 12.35
CA TYR D 80 -17.53 -5.74 13.75
C TYR D 80 -16.45 -4.67 14.07
N LEU D 81 -16.65 -4.04 15.23
CA LEU D 81 -15.73 -3.04 15.77
C LEU D 81 -15.85 -3.13 17.29
N GLN D 82 -14.75 -3.49 17.91
CA GLN D 82 -14.68 -3.62 19.33
C GLN D 82 -14.07 -2.33 19.87
N MET D 83 -14.74 -1.71 20.85
CA MET D 83 -14.27 -0.47 21.42
C MET D 83 -14.02 -0.55 22.92
N ASN D 84 -12.77 -0.71 23.31
CA ASN D 84 -12.44 -0.77 24.73
C ASN D 84 -11.94 0.60 25.13
N SER D 85 -12.00 0.93 26.43
CA SER D 85 -11.51 2.23 26.92
C SER D 85 -12.10 3.37 26.12
N LEU D 86 -13.41 3.53 26.18
CA LEU D 86 -14.08 4.58 25.43
C LEU D 86 -13.87 5.99 25.92
N ARG D 87 -12.89 6.64 25.31
CA ARG D 87 -12.58 8.02 25.61
C ARG D 87 -13.80 8.85 25.21
N ALA D 88 -13.98 9.99 25.85
CA ALA D 88 -15.13 10.87 25.60
C ALA D 88 -15.21 11.40 24.18
N GLU D 89 -14.07 11.79 23.62
CA GLU D 89 -14.02 12.33 22.26
C GLU D 89 -14.61 11.33 21.27
N ASP D 90 -14.63 10.05 21.63
CA ASP D 90 -15.14 9.02 20.75
C ASP D 90 -16.63 9.12 20.46
N THR D 91 -17.34 10.00 21.15
CA THR D 91 -18.77 10.14 20.90
C THR D 91 -18.90 10.63 19.46
N ALA D 92 -19.76 9.96 18.70
CA ALA D 92 -19.98 10.33 17.31
C ALA D 92 -20.97 9.36 16.69
N VAL D 93 -20.98 9.30 15.36
CA VAL D 93 -21.85 8.39 14.62
C VAL D 93 -20.94 7.48 13.83
N TYR D 94 -21.23 6.18 13.87
CA TYR D 94 -20.38 5.22 13.21
C TYR D 94 -20.84 4.66 11.91
N TYR D 95 -20.17 5.13 10.87
CA TYR D 95 -20.44 4.74 9.52
C TYR D 95 -19.68 3.51 9.15
N CYS D 96 -20.40 2.60 8.53
CA CYS D 96 -19.88 1.33 8.05
C CYS D 96 -19.82 1.44 6.56
N ALA D 97 -18.64 1.27 5.97
CA ALA D 97 -18.57 1.37 4.53
C ALA D 97 -17.75 0.32 3.79
N ARG D 98 -18.22 -0.02 2.59
CA ARG D 98 -17.60 -1.02 1.74
C ARG D 98 -16.72 -0.35 0.72
N ALA D 99 -15.46 -0.74 0.68
CA ALA D 99 -14.54 -0.17 -0.28
C ALA D 99 -14.66 -0.93 -1.59
N SER D 100 -14.42 -0.23 -2.69
CA SER D 100 -14.49 -0.81 -4.03
C SER D 100 -13.84 -2.20 -4.10
N ILE D 101 -14.00 -2.86 -5.24
CA ILE D 101 -13.43 -4.18 -5.38
C ILE D 101 -11.95 -4.11 -5.76
N ALA D 102 -11.65 -3.32 -6.77
CA ALA D 102 -10.29 -3.17 -7.25
C ALA D 102 -9.72 -1.82 -6.87
N ALA D 103 -10.31 -1.19 -5.88
CA ALA D 103 -9.84 0.11 -5.45
C ALA D 103 -10.24 0.26 -4.00
N ALA D 104 -9.46 -0.35 -3.12
CA ALA D 104 -9.74 -0.29 -1.69
C ALA D 104 -9.80 1.13 -1.13
N ARG D 105 -9.25 2.07 -1.87
CA ARG D 105 -9.20 3.48 -1.52
C ARG D 105 -10.49 4.17 -1.91
N VAL D 106 -11.53 3.39 -2.20
CA VAL D 106 -12.80 3.94 -2.63
C VAL D 106 -13.98 3.31 -1.89
N LEU D 107 -14.60 4.10 -1.02
CA LEU D 107 -15.73 3.63 -0.24
C LEU D 107 -16.89 3.88 -1.14
N ASP D 108 -17.45 2.85 -1.77
CA ASP D 108 -18.57 3.11 -2.64
C ASP D 108 -19.94 3.21 -1.96
N TYR D 109 -20.25 2.29 -1.04
CA TYR D 109 -21.55 2.34 -0.37
C TYR D 109 -21.48 2.36 1.14
N TRP D 110 -21.99 3.44 1.72
CA TRP D 110 -22.00 3.59 3.16
C TRP D 110 -23.43 3.34 3.59
N GLY D 111 -23.68 3.29 4.89
CA GLY D 111 -25.02 3.11 5.42
C GLY D 111 -25.23 4.12 6.54
N ARG D 112 -26.47 4.49 6.87
CA ARG D 112 -26.68 5.44 7.96
C ARG D 112 -26.05 4.80 9.18
N GLY D 113 -24.95 5.38 9.65
CA GLY D 113 -24.26 4.81 10.78
C GLY D 113 -25.14 4.49 11.97
N THR D 114 -24.53 4.49 13.16
CA THR D 114 -25.28 4.26 14.38
C THR D 114 -24.56 5.13 15.39
N MET D 115 -25.35 5.80 16.24
CA MET D 115 -24.84 6.75 17.22
C MET D 115 -24.21 6.18 18.50
N VAL D 116 -23.04 6.71 18.81
CA VAL D 116 -22.33 6.34 20.02
C VAL D 116 -22.39 7.58 20.90
N THR D 117 -22.42 7.38 22.21
CA THR D 117 -22.49 8.51 23.13
C THR D 117 -21.73 8.19 24.43
N VAL D 118 -20.48 8.64 24.49
CA VAL D 118 -19.63 8.43 25.67
C VAL D 118 -19.96 9.48 26.72
N SER D 119 -20.83 9.12 27.67
CA SER D 119 -21.24 10.02 28.76
C SER D 119 -21.59 9.23 30.01
N SER D 120 -20.89 9.50 31.09
CA SER D 120 -21.10 8.81 32.36
C SER D 120 -22.24 9.34 33.23
N ALA D 121 -23.04 10.26 32.69
CA ALA D 121 -24.11 10.87 33.46
C ALA D 121 -25.46 10.17 33.50
N SER D 122 -26.29 10.54 34.48
CA SER D 122 -27.64 10.01 34.68
C SER D 122 -28.46 11.24 35.03
N THR D 123 -29.76 11.26 34.70
CA THR D 123 -30.59 12.44 34.95
C THR D 123 -30.11 13.50 35.95
N LYS D 124 -30.14 14.74 35.49
CA LYS D 124 -29.77 15.95 36.25
C LYS D 124 -30.65 17.07 35.69
N GLY D 125 -30.50 18.28 36.20
CA GLY D 125 -31.32 19.37 35.72
C GLY D 125 -30.59 20.53 35.07
N PRO D 126 -31.23 21.71 34.99
CA PRO D 126 -30.72 22.94 34.41
C PRO D 126 -30.00 23.84 35.43
N SER D 127 -29.13 24.72 34.95
CA SER D 127 -28.37 25.63 35.82
C SER D 127 -28.45 27.07 35.32
N VAL D 128 -29.67 27.52 35.03
CA VAL D 128 -29.94 28.86 34.51
C VAL D 128 -29.15 30.07 35.06
N PHE D 129 -28.74 30.92 34.12
CA PHE D 129 -27.99 32.15 34.42
C PHE D 129 -28.52 33.28 33.54
N PRO D 130 -28.32 34.55 33.96
CA PRO D 130 -28.77 35.75 33.24
C PRO D 130 -27.73 36.38 32.32
N LEU D 131 -28.06 36.49 31.05
CA LEU D 131 -27.15 37.11 30.07
C LEU D 131 -27.54 38.58 30.01
N ALA D 132 -27.06 39.35 30.98
CA ALA D 132 -27.35 40.77 31.09
C ALA D 132 -27.25 41.51 29.76
N PRO D 133 -28.34 42.15 29.35
CA PRO D 133 -28.46 42.92 28.11
C PRO D 133 -27.49 44.09 27.97
N SER D 134 -27.09 44.32 26.72
CA SER D 134 -26.18 45.42 26.38
C SER D 134 -25.61 45.27 24.98
N GLY D 141 -28.13 48.62 17.53
CA GLY D 141 -29.39 49.35 17.41
C GLY D 141 -30.21 49.24 18.67
N THR D 142 -30.65 48.03 18.98
CA THR D 142 -31.45 47.74 20.18
C THR D 142 -31.05 46.35 20.73
N ALA D 143 -30.24 46.42 21.79
CA ALA D 143 -29.67 45.30 22.53
C ALA D 143 -30.50 44.03 22.62
N ALA D 144 -29.78 42.97 22.95
CA ALA D 144 -30.33 41.65 23.09
C ALA D 144 -29.86 41.08 24.42
N LEU D 145 -30.66 40.18 24.96
CA LEU D 145 -30.36 39.54 26.23
C LEU D 145 -30.92 38.12 26.22
N GLY D 146 -30.47 37.30 27.15
CA GLY D 146 -30.94 35.94 27.20
C GLY D 146 -30.67 35.19 28.47
N CYS D 147 -30.94 33.89 28.43
CA CYS D 147 -30.77 32.98 29.57
C CYS D 147 -29.80 31.88 29.18
N LEU D 148 -28.93 31.51 30.11
CA LEU D 148 -27.93 30.49 29.83
C LEU D 148 -28.10 29.17 30.60
N VAL D 149 -28.91 28.28 30.05
CA VAL D 149 -29.15 26.97 30.65
C VAL D 149 -27.90 26.10 30.46
N LYS D 150 -27.53 25.32 31.48
CA LYS D 150 -26.32 24.51 31.34
C LYS D 150 -26.14 23.26 32.21
N ASP D 151 -25.49 22.25 31.65
CA ASP D 151 -25.17 21.00 32.33
C ASP D 151 -26.30 20.04 32.68
N TYR D 152 -27.08 19.65 31.67
CA TYR D 152 -28.16 18.69 31.87
C TYR D 152 -27.86 17.45 31.05
N PHE D 153 -28.31 16.28 31.50
CA PHE D 153 -28.03 15.03 30.81
C PHE D 153 -29.09 14.53 29.85
N PRO D 154 -30.33 14.46 30.31
CA PRO D 154 -31.36 13.98 29.39
C PRO D 154 -31.74 15.05 28.37
N GLU D 155 -31.36 14.81 27.11
CA GLU D 155 -31.57 15.72 25.98
C GLU D 155 -32.75 16.69 25.88
N PRO D 156 -33.99 16.17 25.89
CA PRO D 156 -35.14 17.06 25.79
C PRO D 156 -35.14 18.20 26.80
N VAL D 157 -35.34 19.45 26.33
CA VAL D 157 -35.39 20.65 27.18
C VAL D 157 -35.98 21.81 26.37
N THR D 158 -37.15 22.30 26.79
CA THR D 158 -37.85 23.40 26.10
C THR D 158 -37.79 24.75 26.83
N VAL D 159 -38.01 25.83 26.09
CA VAL D 159 -37.97 27.18 26.68
C VAL D 159 -39.08 28.11 26.15
N SER D 160 -39.31 29.20 26.88
CA SER D 160 -40.33 30.20 26.54
C SER D 160 -40.03 31.44 27.38
N TRP D 161 -40.53 32.61 26.97
CA TRP D 161 -40.28 33.84 27.73
C TRP D 161 -41.57 34.58 28.09
N ASN D 162 -41.81 34.69 29.40
CA ASN D 162 -43.00 35.34 29.99
C ASN D 162 -44.26 34.57 29.70
N SER D 163 -44.11 33.24 29.64
CA SER D 163 -45.21 32.32 29.39
C SER D 163 -45.82 32.40 27.98
N GLY D 164 -45.09 33.00 27.03
CA GLY D 164 -45.59 33.09 25.67
C GLY D 164 -45.92 34.49 25.15
N ALA D 165 -45.48 35.52 25.86
CA ALA D 165 -45.77 36.88 25.43
C ALA D 165 -44.87 37.24 24.24
N LEU D 166 -45.48 37.36 23.07
CA LEU D 166 -44.76 37.69 21.85
C LEU D 166 -43.42 36.94 21.80
N THR D 167 -43.46 35.74 21.26
CA THR D 167 -42.29 34.90 21.13
C THR D 167 -41.31 35.39 20.07
N SER D 168 -41.71 36.41 19.31
CA SER D 168 -40.83 36.94 18.27
C SER D 168 -39.58 37.56 18.89
N GLY D 169 -38.50 37.58 18.11
CA GLY D 169 -37.24 38.13 18.59
C GLY D 169 -36.58 37.16 19.53
N VAL D 170 -36.81 35.88 19.30
CA VAL D 170 -36.25 34.83 20.13
C VAL D 170 -35.94 33.58 19.34
N HIS D 171 -34.85 32.95 19.73
CA HIS D 171 -34.41 31.72 19.09
C HIS D 171 -33.56 30.93 20.08
N THR D 172 -34.00 29.72 20.39
CA THR D 172 -33.27 28.87 21.33
C THR D 172 -32.43 27.79 20.63
N PHE D 173 -31.13 28.03 20.66
CA PHE D 173 -30.14 27.17 20.04
C PHE D 173 -30.24 25.74 20.47
N PRO D 174 -29.50 24.86 19.78
CA PRO D 174 -29.49 23.45 20.11
C PRO D 174 -28.42 23.33 21.21
N ALA D 175 -28.54 22.32 22.07
CA ALA D 175 -27.59 22.14 23.15
C ALA D 175 -26.25 21.73 22.62
N VAL D 176 -25.45 21.12 23.48
CA VAL D 176 -24.13 20.70 23.08
C VAL D 176 -23.50 19.76 24.12
N LEU D 177 -23.11 18.57 23.69
CA LEU D 177 -22.51 17.59 24.59
C LEU D 177 -21.09 17.97 25.04
N GLN D 178 -20.98 18.77 26.09
CA GLN D 178 -19.67 19.16 26.62
C GLN D 178 -18.90 17.89 26.97
N SER D 179 -17.63 18.04 27.36
CA SER D 179 -16.82 16.89 27.70
C SER D 179 -17.38 16.06 28.85
N SER D 180 -17.87 16.73 29.89
CA SER D 180 -18.42 16.03 31.02
C SER D 180 -19.69 15.31 30.58
N GLY D 181 -19.84 15.15 29.27
CA GLY D 181 -21.01 14.47 28.74
C GLY D 181 -22.29 15.11 29.26
N LEU D 182 -22.25 16.43 29.39
CA LEU D 182 -23.39 17.20 29.88
C LEU D 182 -23.89 18.20 28.86
N TYR D 183 -25.18 18.12 28.55
CA TYR D 183 -25.78 19.01 27.57
C TYR D 183 -26.18 20.38 28.12
N SER D 184 -25.80 21.42 27.37
CA SER D 184 -26.09 22.81 27.70
C SER D 184 -26.57 23.56 26.46
N LEU D 185 -27.39 24.58 26.68
CA LEU D 185 -27.94 25.38 25.60
C LEU D 185 -28.49 26.71 26.13
N SER D 186 -28.55 27.70 25.26
CA SER D 186 -29.03 29.04 25.63
C SER D 186 -30.17 29.52 24.75
N SER D 187 -30.84 30.57 25.19
CA SER D 187 -31.93 31.16 24.40
C SER D 187 -31.65 32.65 24.40
N VAL D 188 -32.15 33.35 23.39
CA VAL D 188 -31.89 34.79 23.31
C VAL D 188 -33.09 35.63 22.86
N VAL D 189 -33.15 36.85 23.35
CA VAL D 189 -34.24 37.74 22.98
C VAL D 189 -33.74 39.14 22.58
N THR D 190 -34.57 39.85 21.80
CA THR D 190 -34.26 41.20 21.34
C THR D 190 -35.44 42.13 21.65
N VAL D 191 -35.13 43.31 22.18
CA VAL D 191 -36.16 44.27 22.56
C VAL D 191 -35.71 45.72 22.38
N PRO D 192 -36.61 46.69 22.62
CA PRO D 192 -36.24 48.10 22.47
C PRO D 192 -35.27 48.45 23.58
N SER D 193 -34.02 48.72 23.26
CA SER D 193 -33.07 49.08 24.31
C SER D 193 -33.66 50.27 25.08
N SER D 194 -34.74 50.82 24.55
CA SER D 194 -35.41 51.95 25.19
C SER D 194 -36.36 51.49 26.27
N SER D 195 -36.66 50.19 26.26
CA SER D 195 -37.56 49.63 27.27
C SER D 195 -36.85 48.86 28.37
N LEU D 196 -35.76 49.44 28.88
CA LEU D 196 -35.00 48.83 29.97
C LEU D 196 -35.44 49.50 31.27
N GLY D 197 -35.87 48.70 32.24
CA GLY D 197 -36.32 49.27 33.49
C GLY D 197 -37.76 49.74 33.33
N THR D 198 -38.55 48.94 32.60
CA THR D 198 -39.97 49.21 32.37
C THR D 198 -40.67 47.90 32.03
N GLN D 199 -39.92 46.96 31.47
CA GLN D 199 -40.51 45.67 31.14
C GLN D 199 -39.73 44.58 31.85
N THR D 200 -40.46 43.58 32.32
CA THR D 200 -39.89 42.46 33.04
C THR D 200 -39.69 41.25 32.13
N TYR D 201 -38.42 40.87 31.98
CA TYR D 201 -38.07 39.74 31.12
C TYR D 201 -37.54 38.58 31.95
N ILE D 202 -38.18 37.42 31.78
CA ILE D 202 -37.82 36.20 32.51
C ILE D 202 -38.00 35.02 31.58
N CYS D 203 -37.25 33.94 31.79
CA CYS D 203 -37.39 32.75 30.94
C CYS D 203 -38.10 31.56 31.61
N ASN D 204 -39.14 31.05 30.96
CA ASN D 204 -39.91 29.92 31.48
C ASN D 204 -39.23 28.64 31.02
N VAL D 205 -38.14 28.28 31.68
CA VAL D 205 -37.39 27.08 31.33
C VAL D 205 -38.19 25.82 31.69
N ASN D 206 -37.70 24.66 31.28
CA ASN D 206 -38.37 23.40 31.56
C ASN D 206 -37.50 22.20 31.15
N HIS D 207 -37.31 21.26 32.08
CA HIS D 207 -36.50 20.06 31.85
C HIS D 207 -37.24 18.88 32.50
N LYS D 208 -38.05 18.17 31.70
CA LYS D 208 -38.83 17.02 32.18
C LYS D 208 -37.97 15.93 32.83
N PRO D 209 -36.94 15.44 32.13
CA PRO D 209 -36.07 14.40 32.65
C PRO D 209 -35.61 14.68 34.08
N SER D 210 -35.69 15.95 34.47
CA SER D 210 -35.32 16.34 35.83
C SER D 210 -36.57 16.75 36.58
N ASN D 211 -37.69 16.82 35.88
CA ASN D 211 -38.95 17.23 36.49
C ASN D 211 -38.74 18.59 37.13
N THR D 212 -38.31 19.54 36.33
CA THR D 212 -38.03 20.87 36.83
C THR D 212 -38.51 21.98 35.91
N LYS D 213 -38.85 23.11 36.50
CA LYS D 213 -39.27 24.32 35.79
C LYS D 213 -38.37 25.35 36.46
N VAL D 214 -38.00 26.42 35.76
CA VAL D 214 -37.15 27.42 36.37
C VAL D 214 -37.58 28.78 35.82
N ASP D 215 -37.46 29.82 36.65
CA ASP D 215 -37.89 31.15 36.25
C ASP D 215 -36.90 32.27 36.54
N LYS D 216 -35.73 32.26 35.89
CA LYS D 216 -34.73 33.31 36.11
C LYS D 216 -35.21 34.63 35.50
N LYS D 217 -35.20 35.67 36.31
CA LYS D 217 -35.63 36.99 35.85
C LYS D 217 -34.39 37.85 35.58
N VAL D 218 -34.02 37.98 34.31
CA VAL D 218 -32.85 38.74 33.91
C VAL D 218 -33.00 40.24 34.12
N GLU D 219 -31.93 40.88 34.55
CA GLU D 219 -31.91 42.32 34.81
C GLU D 219 -30.69 42.95 34.10
N PRO D 220 -30.67 44.28 33.92
CA PRO D 220 -29.59 45.05 33.28
C PRO D 220 -28.35 45.16 34.18
N LYS D 221 -27.20 44.84 33.61
CA LYS D 221 -25.93 44.85 34.34
C LYS D 221 -25.42 46.21 34.87
N SER D 222 -25.94 46.69 35.99
CA SER D 222 -25.43 47.96 36.55
C SER D 222 -24.13 47.60 37.26
N CYS D 223 -23.27 46.89 36.54
CA CYS D 223 -22.00 46.44 37.10
C CYS D 223 -20.77 46.58 36.20
N ASP D 224 -19.62 46.27 36.81
CA ASP D 224 -18.27 46.27 36.24
C ASP D 224 -17.29 47.33 36.79
#